data_7WXW
#
_entry.id   7WXW
#
loop_
_entity.id
_entity.type
_entity.pdbx_description
1 polymer 'Adhesion G-protein coupled receptor F1'
2 polymer 'Guanine nucleotide-binding protein G(I)/G(S)/G(O) subunit gamma-2'
3 polymer 'Engineered mini Galpha-s subunit'
4 polymer NB35
5 polymer 'Guanine nucleotide-binding protein G(I)/G(S)/G(T) subunit beta-1'
#
loop_
_entity_poly.entity_id
_entity_poly.type
_entity_poly.pdbx_seq_one_letter_code
_entity_poly.pdbx_strand_id
1 'polypeptide(L)'
;MKVGVLWLISFFTFTDGHGGFLGKNDGIKTKKELIVNKKKHLGPVEEYQLLLQVTYRDSKEKRDLRNFLKLLKPPLLWSH
GLIRIIRAKATTDCNSLNGVLQCTCEDSYTWFPPSCLDPQNCYLHTAGALPSCECHLNNLSQSVNFCERTKIWGTFKINE
RFTNDLLNSSSAIYSKYANGIEIQLKKAYERIQGFESVQVTQFRNGSIVAGYEVVGSSSASELLSAIEHVAEKAKTALHK
LFPLEDGSFRVFGKAQCNDIVFGFGSKDDEYTLPCSSGYRGNITAKCESSGWQVIRETCVLSLLEELNKNFSMIVGNATE
AAVSSFVQNLSVIIRQNPSTTVGNLASVVSILSNISSLSLASHFRVSNSTMEDVISIADNILNSASVTNWTVLLREEKYA
SSRLLETLENISTLVPPTALPLNFSRKFIDWKGIPVNKSQLKRGYSYQIKMCPQNTSIPIRGRVLIGSDQFQRSLPETII
SMASLTLGNILPVSKNGNAQVNGPVISTVIQNYSINEVFLFFSKIESNLSQPHCVFWDFSHLQWNDAGCHLVNETQDIVT
CQCTHLTSFSILMSPFVPSTIFPVVKWITYVGLGISIGSLILCLIIEALFWKQIKKSQTSHTRRICMVNIALSLLIADVW
FIVGATVDTTVNPSGVCTAAVFFTHFFYLSLFFWMLMLGILLAYRIILVFHHMAQHLMMAVGFCLGYGCPLIISVITIAV
TQPSNTYKRKDVCWLNWSNGSKPLLAFVVPALAIVAVNFVVVLLVLTKLWRPTVGERLSRDDKATIIRVGKSLLILTPLL
GLTWGFGIGTIVDSQNLAWHVIFALLNAFQGFFILCFGILLDSKLRQLLFNKLSALSSWKQTEKQNSSDLSAKPKFSKPF
NPLQNKGHYAFSHTGDSSDNIMLTQFVSNE
;
R
2 'polypeptide(L)' MASNNTASIAQARKLVEQLKMEANIDRIKVSKAAADLMAYCEAHAKEDPLLTPVPASENPFREKKFFCAIL C
3 'polypeptide(L)'
;MGCTLSAEDKAAVERSKMIEKQLQKDKQVYRATHRLLLLGADNSGKSTIVKQMRIYHVNGYSEEECKQYKAVVYSNTIQS
IIAIIRAMGRLKIDFGDSARADDARQLFVLAGAAEEGFMTAELAGVIKRLWKDSGVQACFNRSREYQLNDSAAYYLNDLD
RIAQPNYIPTQQDVLRTRVKTSGIFETKFQVDKVNFHMFDVGAQRDERRKWIQCFNDVTAIIFVVDSSDYNRLQEALNDF
KSIWNNRWLRTISVILFLNKQDLLAEKVLAGKSKIEDYFPEFARYTTPEDATPEPGEDPRVTRAKYFIRDEFLRISTASG
DGRHYCYPHFTCSVDTENARRIFNDCRDIIQRMHLRQYELL
;
A
4 'polypeptide(L)'
;MKYLLPTAAAGLLLLAAQPAMAQVQLQESGGGLVQPGGSLRLSCAASGFTFSNYKMNWVRQAPGKGLEWVSDISQSGASI
SYTGSVKGRFTISRDNAKNTLYLQMNSLKPEDTAVYYCARCPAPFTRDCFDVTSTTYAYRGQGTQVTVSSAAALEHHHHH
H
;
D
5 'polypeptide(L)'
;MGSLLQSELDQLRQEAEQLKNQIRDARKACADATLSQITNNIDPVGRIQMRTRRTLRGHLAKIYAMHWGTDSRLLVSASQ
DGKLIIWDSYTTNKVHAIPLRSSWVMTCAYAPSGNYVACGGLDNICSIYNLKTREGNVRVSRELAGHTGYLSCCRFLDDN
QIVTSSGDTTCALWDIETGQQTTTFTGHTGDVMSLSLAPDTRLFVSGACDASAKLWDVREGMCRQTFTGHESDINAICFF
PNGNAFATGSDDATCRLFDLRADQELMTYSHDNIICGITSVSFSKSGRLLLAGYDDFNCNVWDALKADRAGVLAGHDNRV
SCLGVTDDGMAVATGSWDSFLKIWN
;
B
#
# COMPACT_ATOMS: atom_id res chain seq x y z
N THR A 567 -55.60 -8.35 9.43
CA THR A 567 -54.45 -9.09 8.93
C THR A 567 -53.23 -8.87 9.81
N SER A 568 -53.16 -9.61 10.91
CA SER A 568 -52.02 -9.50 11.81
C SER A 568 -50.79 -10.16 11.22
N PHE A 569 -49.64 -9.50 11.37
CA PHE A 569 -48.37 -10.08 10.96
C PHE A 569 -47.95 -11.26 11.82
N SER A 570 -48.73 -11.60 12.85
CA SER A 570 -48.39 -12.71 13.70
C SER A 570 -48.85 -14.05 13.14
N ILE A 571 -49.71 -14.06 12.11
CA ILE A 571 -50.22 -15.31 11.58
C ILE A 571 -49.15 -16.19 10.96
N LEU A 572 -47.98 -15.63 10.66
CA LEU A 572 -46.90 -16.46 10.14
C LEU A 572 -46.51 -17.54 11.13
N MET A 573 -46.44 -17.19 12.41
CA MET A 573 -46.13 -18.14 13.47
C MET A 573 -47.36 -18.58 14.25
N SER A 574 -48.46 -17.85 14.17
CA SER A 574 -49.57 -18.04 15.11
C SER A 574 -50.62 -18.96 14.52
N PRO A 575 -50.93 -20.08 15.15
CA PRO A 575 -52.15 -20.80 14.78
C PRO A 575 -53.41 -19.99 15.00
N PHE A 576 -53.43 -19.12 16.00
CA PHE A 576 -54.63 -18.41 16.41
C PHE A 576 -54.28 -17.00 16.85
N VAL A 577 -55.08 -16.03 16.43
CA VAL A 577 -54.88 -14.62 16.76
C VAL A 577 -56.09 -14.15 17.53
N PRO A 578 -56.01 -13.97 18.85
CA PRO A 578 -57.17 -13.50 19.61
C PRO A 578 -57.68 -12.16 19.10
N SER A 579 -59.01 -11.99 19.09
CA SER A 579 -59.65 -10.84 18.49
C SER A 579 -59.53 -9.57 19.31
N THR A 580 -59.19 -9.67 20.60
CA THR A 580 -59.22 -8.51 21.48
C THR A 580 -58.37 -7.37 20.95
N ILE A 581 -57.09 -7.64 20.67
CA ILE A 581 -56.17 -6.62 20.18
C ILE A 581 -56.29 -6.45 18.67
N PHE A 582 -57.31 -7.04 18.05
CA PHE A 582 -57.40 -7.05 16.60
C PHE A 582 -57.22 -5.68 15.96
N PRO A 583 -57.84 -4.60 16.45
CA PRO A 583 -57.55 -3.28 15.86
C PRO A 583 -56.20 -2.71 16.27
N VAL A 584 -55.57 -3.24 17.32
CA VAL A 584 -54.32 -2.66 17.81
C VAL A 584 -53.18 -2.94 16.84
N VAL A 585 -53.03 -4.20 16.42
CA VAL A 585 -51.87 -4.61 15.62
C VAL A 585 -52.03 -4.25 14.15
N LYS A 586 -53.28 -4.30 13.65
CA LYS A 586 -53.52 -4.32 12.22
C LYS A 586 -52.83 -3.14 11.52
N TRP A 587 -53.08 -1.93 11.99
CA TRP A 587 -52.52 -0.75 11.33
C TRP A 587 -51.00 -0.84 11.27
N ILE A 588 -50.38 -1.28 12.37
CA ILE A 588 -48.92 -1.42 12.40
C ILE A 588 -48.44 -2.17 11.17
N THR A 589 -49.04 -3.33 10.92
CA THR A 589 -48.62 -4.10 9.76
C THR A 589 -48.70 -3.25 8.50
N TYR A 590 -49.87 -2.68 8.25
CA TYR A 590 -50.07 -1.92 7.01
C TYR A 590 -49.18 -0.69 6.93
N VAL A 591 -48.60 -0.25 8.04
CA VAL A 591 -47.60 0.81 7.96
C VAL A 591 -46.18 0.23 8.01
N GLY A 592 -45.97 -0.80 8.83
CA GLY A 592 -44.64 -1.35 9.00
C GLY A 592 -44.04 -1.76 7.67
N LEU A 593 -44.65 -2.79 7.07
CA LEU A 593 -44.28 -3.28 5.75
C LEU A 593 -44.04 -2.11 4.81
N GLY A 594 -44.89 -1.09 4.91
CA GLY A 594 -44.77 0.09 4.09
C GLY A 594 -43.36 0.61 4.06
N ILE A 595 -42.86 1.09 5.21
CA ILE A 595 -41.50 1.61 5.26
C ILE A 595 -40.53 0.56 4.75
N SER A 596 -40.73 -0.69 5.20
CA SER A 596 -39.86 -1.78 4.77
C SER A 596 -39.72 -1.78 3.26
N ILE A 597 -40.85 -1.85 2.55
CA ILE A 597 -40.81 -1.82 1.09
C ILE A 597 -39.94 -0.68 0.62
N GLY A 598 -40.32 0.54 1.00
CA GLY A 598 -39.57 1.70 0.58
C GLY A 598 -38.10 1.55 0.85
N SER A 599 -37.77 1.21 2.11
CA SER A 599 -36.37 1.16 2.50
C SER A 599 -35.60 0.22 1.60
N LEU A 600 -36.16 -0.98 1.35
CA LEU A 600 -35.38 -1.97 0.63
C LEU A 600 -35.08 -1.50 -0.78
N ILE A 601 -36.02 -0.77 -1.39
CA ILE A 601 -35.75 -0.26 -2.74
C ILE A 601 -34.50 0.60 -2.71
N LEU A 602 -34.45 1.55 -1.77
CA LEU A 602 -33.28 2.40 -1.64
C LEU A 602 -32.02 1.55 -1.49
N CYS A 603 -32.11 0.50 -0.68
CA CYS A 603 -30.95 -0.37 -0.49
C CYS A 603 -30.42 -0.85 -1.81
N LEU A 604 -31.30 -1.42 -2.65
CA LEU A 604 -30.83 -1.97 -3.91
C LEU A 604 -30.25 -0.87 -4.78
N ILE A 605 -30.83 0.33 -4.71
CA ILE A 605 -30.31 1.45 -5.50
C ILE A 605 -28.85 1.68 -5.15
N ILE A 606 -28.52 1.70 -3.85
CA ILE A 606 -27.14 1.86 -3.45
C ILE A 606 -26.31 0.69 -3.96
N GLU A 607 -26.86 -0.52 -3.85
CA GLU A 607 -26.14 -1.70 -4.33
C GLU A 607 -25.91 -1.67 -5.83
N ALA A 608 -26.61 -0.78 -6.54
CA ALA A 608 -26.38 -0.64 -7.97
C ALA A 608 -25.46 0.52 -8.33
N LEU A 609 -25.23 1.45 -7.40
CA LEU A 609 -24.50 2.66 -7.77
C LEU A 609 -23.00 2.49 -7.62
N PHE A 610 -22.55 1.70 -6.64
CA PHE A 610 -21.13 1.57 -6.33
C PHE A 610 -20.63 0.13 -6.44
N TRP A 611 -21.00 -0.59 -7.50
CA TRP A 611 -20.61 -1.99 -7.62
C TRP A 611 -19.15 -2.15 -8.01
N LYS A 612 -18.65 -1.33 -8.95
CA LYS A 612 -17.28 -1.49 -9.41
C LYS A 612 -16.25 -1.06 -8.38
N GLN A 613 -16.67 -0.43 -7.29
CA GLN A 613 -15.75 0.09 -6.28
C GLN A 613 -15.75 -0.73 -4.99
N ILE A 614 -16.34 -1.93 -5.00
CA ILE A 614 -16.40 -2.73 -3.78
C ILE A 614 -15.83 -4.11 -4.03
N LYS A 615 -15.55 -4.43 -5.30
CA LYS A 615 -15.00 -5.75 -5.66
C LYS A 615 -13.49 -5.87 -5.47
N LYS A 616 -13.09 -5.89 -4.20
CA LYS A 616 -11.67 -5.88 -3.85
C LYS A 616 -11.09 -7.27 -3.60
N SER A 617 -11.74 -8.05 -2.75
CA SER A 617 -11.25 -9.38 -2.38
C SER A 617 -12.40 -10.39 -2.36
N GLN A 618 -12.05 -11.61 -1.98
CA GLN A 618 -13.01 -12.72 -1.96
C GLN A 618 -14.10 -12.51 -0.92
N THR A 619 -13.70 -12.21 0.32
CA THR A 619 -14.64 -12.21 1.44
C THR A 619 -15.67 -11.11 1.28
N SER A 620 -15.24 -9.91 0.90
CA SER A 620 -16.17 -8.81 0.69
C SER A 620 -17.15 -9.12 -0.44
N HIS A 621 -16.66 -9.78 -1.49
CA HIS A 621 -17.52 -10.13 -2.62
C HIS A 621 -18.62 -11.10 -2.19
N THR A 622 -18.24 -12.16 -1.47
CA THR A 622 -19.24 -13.11 -1.00
C THR A 622 -20.21 -12.44 -0.03
N ARG A 623 -19.70 -11.55 0.82
CA ARG A 623 -20.56 -10.79 1.72
C ARG A 623 -21.61 -10.01 0.96
N ARG A 624 -21.19 -9.23 -0.04
CA ARG A 624 -22.13 -8.39 -0.78
C ARG A 624 -23.17 -9.24 -1.50
N ILE A 625 -22.76 -10.40 -2.02
CA ILE A 625 -23.70 -11.31 -2.66
C ILE A 625 -24.77 -11.76 -1.67
N CYS A 626 -24.35 -12.19 -0.49
CA CYS A 626 -25.32 -12.61 0.52
C CYS A 626 -26.29 -11.48 0.86
N MET A 627 -25.78 -10.26 1.00
CA MET A 627 -26.66 -9.16 1.38
C MET A 627 -27.71 -8.85 0.31
N VAL A 628 -27.29 -8.79 -0.96
CA VAL A 628 -28.25 -8.48 -2.01
C VAL A 628 -29.30 -9.58 -2.12
N ASN A 629 -28.89 -10.85 -1.95
CA ASN A 629 -29.86 -11.93 -2.00
C ASN A 629 -30.89 -11.81 -0.87
N ILE A 630 -30.42 -11.51 0.34
CA ILE A 630 -31.32 -11.32 1.47
C ILE A 630 -32.35 -10.24 1.17
N ALA A 631 -31.88 -9.08 0.70
CA ALA A 631 -32.79 -7.96 0.46
C ALA A 631 -33.82 -8.29 -0.60
N LEU A 632 -33.40 -8.92 -1.70
CA LEU A 632 -34.31 -9.25 -2.78
C LEU A 632 -35.40 -10.21 -2.31
N SER A 633 -35.00 -11.28 -1.62
CA SER A 633 -35.99 -12.24 -1.12
C SER A 633 -36.98 -11.55 -0.19
N LEU A 634 -36.50 -10.67 0.69
CA LEU A 634 -37.41 -10.03 1.63
C LEU A 634 -38.42 -9.15 0.91
N LEU A 635 -37.97 -8.39 -0.08
CA LEU A 635 -38.90 -7.50 -0.79
C LEU A 635 -39.99 -8.28 -1.50
N ILE A 636 -39.61 -9.37 -2.18
CA ILE A 636 -40.62 -10.12 -2.94
C ILE A 636 -41.58 -10.83 -2.01
N ALA A 637 -41.07 -11.40 -0.91
CA ALA A 637 -41.95 -12.04 0.05
C ALA A 637 -42.94 -11.04 0.64
N ASP A 638 -42.49 -9.81 0.90
CA ASP A 638 -43.39 -8.80 1.43
C ASP A 638 -44.50 -8.47 0.44
N VAL A 639 -44.14 -8.27 -0.84
CA VAL A 639 -45.19 -7.91 -1.79
C VAL A 639 -46.18 -9.04 -1.96
N TRP A 640 -45.72 -10.29 -1.92
CA TRP A 640 -46.68 -11.40 -2.05
C TRP A 640 -47.56 -11.54 -0.82
N PHE A 641 -47.04 -11.24 0.38
CA PHE A 641 -47.93 -11.20 1.54
C PHE A 641 -49.01 -10.15 1.37
N ILE A 642 -48.61 -8.95 0.90
CA ILE A 642 -49.59 -7.88 0.70
C ILE A 642 -50.66 -8.31 -0.29
N VAL A 643 -50.24 -8.88 -1.43
CA VAL A 643 -51.21 -9.36 -2.42
C VAL A 643 -52.15 -10.39 -1.80
N GLY A 644 -51.59 -11.40 -1.14
CA GLY A 644 -52.39 -12.51 -0.69
C GLY A 644 -53.20 -12.24 0.57
N ALA A 645 -53.04 -11.07 1.18
CA ALA A 645 -53.87 -10.74 2.32
C ALA A 645 -55.16 -10.02 1.94
N THR A 646 -55.23 -9.47 0.73
CA THR A 646 -56.41 -8.74 0.25
C THR A 646 -57.09 -9.48 -0.91
N VAL A 647 -57.16 -10.81 -0.82
CA VAL A 647 -57.83 -11.62 -1.81
C VAL A 647 -59.07 -12.21 -1.16
N ASP A 648 -60.24 -11.92 -1.74
CA ASP A 648 -61.50 -12.37 -1.17
C ASP A 648 -61.73 -13.83 -1.52
N THR A 649 -61.75 -14.69 -0.49
CA THR A 649 -61.98 -16.11 -0.66
C THR A 649 -63.45 -16.49 -0.48
N THR A 650 -64.33 -15.53 -0.19
CA THR A 650 -65.74 -15.80 -0.01
C THR A 650 -66.46 -16.08 -1.33
N VAL A 651 -65.79 -15.91 -2.47
CA VAL A 651 -66.44 -16.05 -3.77
C VAL A 651 -65.80 -17.20 -4.53
N ASN A 652 -64.50 -17.11 -4.78
CA ASN A 652 -63.79 -18.12 -5.55
C ASN A 652 -62.97 -18.99 -4.61
N PRO A 653 -63.30 -20.27 -4.44
CA PRO A 653 -62.53 -21.14 -3.54
C PRO A 653 -61.20 -21.61 -4.11
N SER A 654 -60.75 -21.08 -5.24
CA SER A 654 -59.48 -21.47 -5.84
C SER A 654 -58.97 -20.30 -6.68
N GLY A 655 -57.89 -20.54 -7.42
CA GLY A 655 -57.33 -19.51 -8.29
C GLY A 655 -56.04 -18.92 -7.71
N VAL A 656 -56.07 -17.61 -7.45
CA VAL A 656 -54.89 -16.93 -6.91
C VAL A 656 -54.55 -17.35 -5.48
N CYS A 657 -55.54 -17.84 -4.73
CA CYS A 657 -55.31 -18.19 -3.33
C CYS A 657 -54.54 -19.48 -3.14
N THR A 658 -54.13 -20.10 -4.24
CA THR A 658 -53.07 -21.08 -4.11
C THR A 658 -51.73 -20.51 -4.51
N ALA A 659 -51.63 -19.95 -5.72
CA ALA A 659 -50.36 -19.42 -6.22
C ALA A 659 -49.68 -18.53 -5.18
N ALA A 660 -50.35 -17.45 -4.79
CA ALA A 660 -49.82 -16.56 -3.77
C ALA A 660 -49.23 -17.35 -2.61
N VAL A 661 -50.04 -18.20 -1.97
CA VAL A 661 -49.57 -18.97 -0.83
C VAL A 661 -48.22 -19.60 -1.17
N PHE A 662 -48.20 -20.43 -2.20
CA PHE A 662 -46.97 -21.13 -2.58
C PHE A 662 -45.80 -20.16 -2.66
N PHE A 663 -45.95 -19.10 -3.47
CA PHE A 663 -44.82 -18.21 -3.65
C PHE A 663 -44.35 -17.65 -2.33
N THR A 664 -45.26 -17.13 -1.50
CA THR A 664 -44.83 -16.55 -0.24
C THR A 664 -43.98 -17.55 0.51
N HIS A 665 -44.49 -18.78 0.65
CA HIS A 665 -43.75 -19.82 1.33
C HIS A 665 -42.34 -19.89 0.82
N PHE A 666 -42.20 -20.21 -0.47
CA PHE A 666 -40.88 -20.41 -1.06
C PHE A 666 -39.96 -19.27 -0.69
N PHE A 667 -40.42 -18.04 -0.93
CA PHE A 667 -39.46 -16.96 -0.85
C PHE A 667 -39.00 -16.72 0.57
N TYR A 668 -39.90 -16.84 1.55
CA TYR A 668 -39.45 -16.61 2.92
C TYR A 668 -38.40 -17.63 3.30
N LEU A 669 -38.63 -18.89 2.96
CA LEU A 669 -37.63 -19.90 3.31
C LEU A 669 -36.28 -19.52 2.74
N SER A 670 -36.27 -19.02 1.52
CA SER A 670 -35.00 -18.68 0.89
C SER A 670 -34.27 -17.64 1.72
N LEU A 671 -34.98 -16.58 2.12
CA LEU A 671 -34.41 -15.59 3.03
C LEU A 671 -33.67 -16.26 4.17
N PHE A 672 -34.37 -17.14 4.89
CA PHE A 672 -33.77 -17.75 6.06
C PHE A 672 -32.48 -18.47 5.69
N PHE A 673 -32.51 -19.25 4.62
CA PHE A 673 -31.33 -20.04 4.30
C PHE A 673 -30.16 -19.14 3.96
N TRP A 674 -30.42 -18.03 3.25
CA TRP A 674 -29.33 -17.11 2.94
C TRP A 674 -28.69 -16.59 4.21
N MET A 675 -29.50 -16.26 5.22
CA MET A 675 -28.93 -15.76 6.47
C MET A 675 -28.02 -16.80 7.09
N LEU A 676 -28.42 -18.08 7.03
CA LEU A 676 -27.57 -19.15 7.54
C LEU A 676 -26.18 -19.06 6.94
N MET A 677 -26.10 -18.84 5.62
CA MET A 677 -24.80 -18.78 4.97
C MET A 677 -23.91 -17.75 5.63
N LEU A 678 -24.43 -16.54 5.84
CA LEU A 678 -23.61 -15.49 6.45
C LEU A 678 -23.01 -16.01 7.76
N GLY A 679 -23.84 -16.60 8.61
CA GLY A 679 -23.34 -17.14 9.85
C GLY A 679 -22.17 -18.06 9.64
N ILE A 680 -22.35 -19.08 8.79
CA ILE A 680 -21.31 -20.07 8.56
C ILE A 680 -20.02 -19.36 8.14
N LEU A 681 -20.14 -18.40 7.23
CA LEU A 681 -18.95 -17.74 6.71
C LEU A 681 -18.12 -17.15 7.84
N LEU A 682 -18.77 -16.45 8.78
CA LEU A 682 -18.04 -15.89 9.92
C LEU A 682 -17.26 -16.96 10.65
N ALA A 683 -17.91 -18.07 10.99
CA ALA A 683 -17.21 -19.12 11.73
C ALA A 683 -16.03 -19.64 10.93
N TYR A 684 -16.18 -19.75 9.61
CA TYR A 684 -15.10 -20.31 8.80
C TYR A 684 -13.93 -19.35 8.72
N ARG A 685 -14.14 -18.08 9.04
CA ARG A 685 -13.04 -17.12 9.06
C ARG A 685 -12.36 -17.07 10.43
N ILE A 686 -12.91 -17.75 11.43
CA ILE A 686 -12.32 -17.67 12.77
C ILE A 686 -11.80 -19.03 13.23
N ILE A 687 -12.64 -20.06 13.18
CA ILE A 687 -12.24 -21.37 13.68
C ILE A 687 -11.14 -21.97 12.80
N LEU A 688 -11.24 -21.81 11.48
CA LEU A 688 -10.23 -22.29 10.55
C LEU A 688 -9.54 -21.08 9.92
N VAL A 689 -8.33 -20.79 10.39
CA VAL A 689 -7.67 -19.55 10.00
C VAL A 689 -6.79 -19.74 8.77
N PHE A 690 -6.11 -20.87 8.67
CA PHE A 690 -5.23 -21.16 7.54
C PHE A 690 -5.90 -22.22 6.68
N HIS A 691 -6.75 -21.77 5.75
CA HIS A 691 -7.46 -22.64 4.82
C HIS A 691 -7.99 -21.79 3.69
N HIS A 692 -7.91 -22.32 2.47
CA HIS A 692 -8.21 -21.51 1.29
C HIS A 692 -9.00 -22.35 0.29
N MET A 693 -9.94 -21.70 -0.40
CA MET A 693 -10.77 -22.36 -1.40
C MET A 693 -10.93 -21.45 -2.61
N ALA A 694 -11.53 -22.01 -3.66
CA ALA A 694 -11.75 -21.25 -4.88
C ALA A 694 -13.02 -20.41 -4.79
N GLN A 695 -13.08 -19.37 -5.61
CA GLN A 695 -14.24 -18.49 -5.63
C GLN A 695 -15.48 -19.22 -6.14
N HIS A 696 -15.34 -19.94 -7.26
CA HIS A 696 -16.52 -20.46 -7.95
C HIS A 696 -17.14 -21.63 -7.20
N LEU A 697 -16.34 -22.41 -6.48
CA LEU A 697 -16.90 -23.48 -5.66
C LEU A 697 -17.77 -22.89 -4.55
N MET A 698 -17.33 -21.79 -3.95
CA MET A 698 -18.13 -21.10 -2.95
C MET A 698 -19.41 -20.54 -3.56
N MET A 699 -19.32 -19.95 -4.76
CA MET A 699 -20.53 -19.51 -5.44
C MET A 699 -21.50 -20.67 -5.65
N ALA A 700 -20.98 -21.82 -6.07
CA ALA A 700 -21.82 -22.97 -6.36
C ALA A 700 -22.54 -23.45 -5.12
N VAL A 701 -21.81 -23.62 -4.02
CA VAL A 701 -22.45 -24.13 -2.81
C VAL A 701 -23.45 -23.11 -2.27
N GLY A 702 -23.11 -21.81 -2.36
CA GLY A 702 -24.02 -20.80 -1.89
C GLY A 702 -25.34 -20.79 -2.64
N PHE A 703 -25.27 -20.86 -3.98
CA PHE A 703 -26.51 -20.84 -4.75
C PHE A 703 -27.24 -22.18 -4.73
N CYS A 704 -26.55 -23.30 -4.51
CA CYS A 704 -27.25 -24.57 -4.50
C CYS A 704 -27.88 -24.90 -3.15
N LEU A 705 -27.46 -24.24 -2.08
CA LEU A 705 -28.15 -24.37 -0.81
C LEU A 705 -28.89 -23.11 -0.42
N GLY A 706 -28.86 -22.07 -1.25
CA GLY A 706 -29.67 -20.90 -1.04
C GLY A 706 -31.03 -21.03 -1.71
N TYR A 707 -31.02 -21.34 -3.00
CA TYR A 707 -32.24 -21.57 -3.77
C TYR A 707 -32.50 -23.05 -4.00
N GLY A 708 -31.83 -23.93 -3.29
CA GLY A 708 -31.99 -25.36 -3.53
C GLY A 708 -33.02 -26.05 -2.67
N CYS A 709 -32.89 -25.92 -1.35
CA CYS A 709 -33.84 -26.57 -0.46
C CYS A 709 -35.22 -25.94 -0.45
N PRO A 710 -35.38 -24.61 -0.57
CA PRO A 710 -36.74 -24.06 -0.70
C PRO A 710 -37.58 -24.74 -1.76
N LEU A 711 -37.02 -24.99 -2.94
CA LEU A 711 -37.77 -25.63 -4.00
C LEU A 711 -38.22 -27.02 -3.58
N ILE A 712 -37.30 -27.80 -3.02
CA ILE A 712 -37.62 -29.18 -2.64
C ILE A 712 -38.76 -29.20 -1.62
N ILE A 713 -38.62 -28.40 -0.55
CA ILE A 713 -39.63 -28.43 0.51
C ILE A 713 -40.97 -27.92 -0.03
N SER A 714 -40.96 -26.84 -0.80
CA SER A 714 -42.20 -26.29 -1.32
C SER A 714 -42.94 -27.30 -2.18
N VAL A 715 -42.24 -27.94 -3.11
CA VAL A 715 -42.91 -28.85 -4.02
C VAL A 715 -43.39 -30.10 -3.28
N ILE A 716 -42.59 -30.62 -2.34
CA ILE A 716 -43.06 -31.78 -1.59
C ILE A 716 -44.32 -31.46 -0.80
N THR A 717 -44.35 -30.32 -0.12
CA THR A 717 -45.53 -29.97 0.67
C THR A 717 -46.76 -29.81 -0.22
N ILE A 718 -46.63 -29.06 -1.31
CA ILE A 718 -47.80 -28.81 -2.16
C ILE A 718 -48.29 -30.12 -2.79
N ALA A 719 -47.36 -30.97 -3.24
CA ALA A 719 -47.76 -32.22 -3.88
C ALA A 719 -48.45 -33.14 -2.89
N VAL A 720 -47.91 -33.25 -1.66
CA VAL A 720 -48.49 -34.19 -0.70
C VAL A 720 -49.75 -33.62 -0.04
N THR A 721 -50.03 -32.33 -0.21
CA THR A 721 -51.17 -31.75 0.51
C THR A 721 -52.35 -31.35 -0.39
N GLN A 722 -52.10 -30.84 -1.59
CA GLN A 722 -53.19 -30.29 -2.40
C GLN A 722 -54.29 -31.28 -2.75
N PRO A 723 -54.03 -32.55 -3.10
CA PRO A 723 -55.13 -33.45 -3.47
C PRO A 723 -56.34 -33.42 -2.55
N SER A 724 -56.16 -33.57 -1.24
CA SER A 724 -57.30 -33.66 -0.34
C SER A 724 -57.80 -32.30 0.13
N ASN A 725 -57.29 -31.20 -0.43
CA ASN A 725 -57.74 -29.85 -0.09
C ASN A 725 -57.51 -29.55 1.39
N THR A 726 -56.24 -29.60 1.80
CA THR A 726 -55.83 -29.36 3.18
C THR A 726 -54.62 -28.45 3.24
N TYR A 727 -54.35 -27.73 2.15
CA TYR A 727 -53.19 -26.88 2.02
C TYR A 727 -53.49 -25.42 2.24
N LYS A 728 -54.77 -25.04 2.26
CA LYS A 728 -55.16 -23.65 2.40
C LYS A 728 -56.14 -23.52 3.56
N ARG A 729 -56.12 -22.36 4.21
CA ARG A 729 -57.03 -22.13 5.33
C ARG A 729 -58.45 -21.99 4.80
N LYS A 730 -59.42 -21.84 5.70
CA LYS A 730 -60.80 -21.60 5.33
C LYS A 730 -61.18 -20.13 5.41
N ASP A 731 -60.25 -19.25 5.77
CA ASP A 731 -60.55 -17.84 5.92
C ASP A 731 -59.54 -16.89 5.27
N VAL A 732 -58.30 -17.32 5.07
CA VAL A 732 -57.24 -16.42 4.59
C VAL A 732 -56.27 -17.24 3.77
N CYS A 733 -55.46 -16.55 2.96
CA CYS A 733 -54.49 -17.20 2.08
C CYS A 733 -53.15 -17.42 2.77
N TRP A 734 -53.08 -18.50 3.56
CA TRP A 734 -51.86 -18.96 4.21
C TRP A 734 -52.10 -20.39 4.66
N LEU A 735 -51.07 -21.00 5.21
CA LEU A 735 -51.15 -22.40 5.60
C LEU A 735 -52.01 -22.53 6.86
N ASN A 736 -52.46 -23.76 7.14
CA ASN A 736 -53.35 -24.03 8.25
C ASN A 736 -52.91 -25.27 9.00
N TRP A 737 -53.70 -25.62 10.02
CA TRP A 737 -53.66 -26.95 10.64
C TRP A 737 -54.85 -27.09 11.56
N SER A 738 -55.56 -28.22 11.47
CA SER A 738 -56.67 -28.50 12.38
C SER A 738 -56.84 -30.01 12.47
N ASN A 739 -56.20 -30.63 13.46
CA ASN A 739 -56.35 -32.04 13.80
C ASN A 739 -55.93 -32.98 12.67
N GLY A 740 -55.39 -32.45 11.58
CA GLY A 740 -55.01 -33.27 10.45
C GLY A 740 -53.67 -32.88 9.88
N SER A 741 -53.62 -32.63 8.56
CA SER A 741 -52.41 -32.15 7.94
C SER A 741 -52.02 -30.80 8.53
N LYS A 742 -50.74 -30.68 8.90
CA LYS A 742 -50.20 -29.46 9.50
C LYS A 742 -49.02 -28.98 8.65
N PRO A 743 -49.30 -28.31 7.53
CA PRO A 743 -48.20 -27.83 6.69
C PRO A 743 -47.42 -26.68 7.30
N LEU A 744 -47.98 -25.97 8.30
CA LEU A 744 -47.31 -24.80 8.86
C LEU A 744 -45.99 -25.17 9.51
N LEU A 745 -45.84 -26.42 9.97
CA LEU A 745 -44.57 -26.84 10.53
C LEU A 745 -43.43 -26.84 9.53
N ALA A 746 -43.75 -26.94 8.24
CA ALA A 746 -42.75 -26.85 7.19
C ALA A 746 -42.31 -25.42 6.97
N PHE A 747 -42.78 -24.50 7.81
CA PHE A 747 -42.18 -23.20 7.94
C PHE A 747 -41.53 -22.97 9.29
N VAL A 748 -42.16 -23.41 10.39
CA VAL A 748 -41.64 -23.07 11.72
C VAL A 748 -40.38 -23.88 12.01
N VAL A 749 -40.42 -25.18 11.76
CA VAL A 749 -39.26 -26.02 12.08
C VAL A 749 -38.01 -25.62 11.31
N PRO A 750 -38.08 -25.29 10.01
CA PRO A 750 -36.85 -24.83 9.33
C PRO A 750 -36.50 -23.37 9.61
N ALA A 751 -37.43 -22.55 10.07
CA ALA A 751 -37.10 -21.16 10.36
C ALA A 751 -36.44 -21.01 11.72
N LEU A 752 -37.14 -21.39 12.79
CA LEU A 752 -36.61 -21.22 14.14
C LEU A 752 -35.24 -21.86 14.23
N ALA A 753 -35.11 -23.12 13.81
CA ALA A 753 -33.81 -23.74 13.91
C ALA A 753 -32.76 -23.23 12.93
N ILE A 754 -32.80 -21.94 12.62
CA ILE A 754 -31.65 -21.28 12.02
C ILE A 754 -31.20 -20.19 12.98
N VAL A 755 -32.15 -19.57 13.69
CA VAL A 755 -31.76 -18.53 14.64
C VAL A 755 -31.09 -19.11 15.88
N ALA A 756 -31.45 -20.35 16.23
CA ALA A 756 -30.76 -21.05 17.30
C ALA A 756 -29.41 -21.58 16.84
N VAL A 757 -28.99 -21.24 15.62
CA VAL A 757 -27.60 -21.45 15.23
C VAL A 757 -26.87 -20.13 15.21
N ASN A 758 -27.52 -19.09 14.67
CA ASN A 758 -26.84 -17.80 14.53
C ASN A 758 -26.52 -17.20 15.89
N PHE A 759 -27.43 -17.40 16.85
CA PHE A 759 -27.14 -17.08 18.24
C PHE A 759 -25.72 -17.51 18.62
N VAL A 760 -25.38 -18.77 18.37
CA VAL A 760 -24.07 -19.27 18.76
C VAL A 760 -22.98 -18.40 18.16
N VAL A 761 -23.09 -18.12 16.86
CA VAL A 761 -22.08 -17.31 16.19
C VAL A 761 -21.86 -16.00 16.93
N VAL A 762 -22.96 -15.34 17.30
CA VAL A 762 -22.83 -14.04 17.95
C VAL A 762 -22.00 -14.17 19.22
N LEU A 763 -22.31 -15.17 20.05
CA LEU A 763 -21.55 -15.35 21.27
C LEU A 763 -20.06 -15.49 20.98
N LEU A 764 -19.73 -16.27 19.95
CA LEU A 764 -18.34 -16.44 19.56
C LEU A 764 -17.68 -15.09 19.33
N VAL A 765 -18.30 -14.24 18.53
CA VAL A 765 -17.72 -12.94 18.21
C VAL A 765 -17.59 -12.06 19.43
N LEU A 766 -18.46 -12.25 20.43
CA LEU A 766 -18.34 -11.50 21.67
C LEU A 766 -17.18 -11.98 22.55
N THR A 767 -16.77 -13.23 22.44
CA THR A 767 -15.59 -13.68 23.17
C THR A 767 -14.29 -13.29 22.48
N LYS A 768 -14.36 -12.48 21.43
CA LYS A 768 -13.18 -11.98 20.74
C LYS A 768 -13.07 -10.47 20.74
N LEU A 769 -14.08 -9.77 21.26
CA LEU A 769 -14.09 -8.33 21.31
C LEU A 769 -14.05 -7.78 22.74
N TRP A 770 -14.01 -8.66 23.73
CA TRP A 770 -14.03 -8.26 25.14
C TRP A 770 -12.68 -8.56 25.80
N ARG A 771 -11.64 -8.59 24.97
CA ARG A 771 -10.32 -9.01 25.38
C ARG A 771 -9.73 -8.13 26.49
N PRO A 772 -9.78 -6.79 26.38
CA PRO A 772 -9.25 -6.02 27.52
C PRO A 772 -10.08 -6.18 28.79
N ALA A 784 -14.83 2.31 27.00
CA ALA A 784 -14.46 2.17 25.59
C ALA A 784 -14.85 0.80 25.06
N THR A 785 -14.72 -0.22 25.91
CA THR A 785 -15.07 -1.58 25.49
C THR A 785 -16.57 -1.73 25.30
N ILE A 786 -17.37 -1.06 26.14
CA ILE A 786 -18.81 -1.22 26.09
C ILE A 786 -19.38 -0.63 24.81
N ILE A 787 -18.89 0.53 24.40
CA ILE A 787 -19.35 1.12 23.14
C ILE A 787 -19.01 0.19 21.97
N ARG A 788 -17.82 -0.40 22.00
CA ARG A 788 -17.41 -1.32 20.94
C ARG A 788 -18.34 -2.53 20.88
N VAL A 789 -18.59 -3.17 22.03
CA VAL A 789 -19.45 -4.33 22.09
C VAL A 789 -20.86 -3.98 21.63
N GLY A 790 -21.37 -2.83 22.05
CA GLY A 790 -22.71 -2.43 21.66
C GLY A 790 -22.83 -2.18 20.18
N LYS A 791 -21.87 -1.47 19.59
CA LYS A 791 -21.92 -1.21 18.16
C LYS A 791 -21.75 -2.50 17.36
N SER A 792 -21.02 -3.48 17.92
CA SER A 792 -20.96 -4.78 17.28
C SER A 792 -22.31 -5.50 17.32
N LEU A 793 -22.94 -5.54 18.49
CA LEU A 793 -24.18 -6.27 18.69
C LEU A 793 -25.39 -5.59 18.05
N LEU A 794 -25.27 -4.32 17.68
CA LEU A 794 -26.39 -3.63 17.05
C LEU A 794 -26.34 -3.70 15.52
N ILE A 795 -25.31 -4.33 14.96
CA ILE A 795 -25.25 -4.60 13.54
C ILE A 795 -25.68 -6.01 13.18
N LEU A 796 -25.47 -6.99 14.05
CA LEU A 796 -25.66 -8.39 13.71
C LEU A 796 -27.03 -8.92 14.13
N THR A 797 -27.86 -8.08 14.76
CA THR A 797 -29.21 -8.50 15.12
C THR A 797 -30.16 -8.44 13.92
N PRO A 798 -30.14 -7.39 13.08
CA PRO A 798 -30.99 -7.42 11.88
C PRO A 798 -30.59 -8.49 10.86
N LEU A 799 -29.31 -8.54 10.49
CA LEU A 799 -28.87 -9.39 9.38
C LEU A 799 -29.06 -10.86 9.67
N LEU A 800 -28.60 -11.33 10.82
CA LEU A 800 -28.77 -12.73 11.18
C LEU A 800 -30.15 -13.02 11.74
N GLY A 801 -30.95 -12.00 12.00
CA GLY A 801 -32.35 -12.18 12.33
C GLY A 801 -32.58 -12.89 13.65
N LEU A 802 -32.09 -12.32 14.75
CA LEU A 802 -32.35 -12.92 16.05
C LEU A 802 -33.69 -12.49 16.63
N THR A 803 -34.36 -11.51 16.02
CA THR A 803 -35.62 -11.01 16.56
C THR A 803 -36.77 -11.98 16.30
N TRP A 804 -36.74 -12.67 15.16
CA TRP A 804 -37.79 -13.64 14.85
C TRP A 804 -37.95 -14.69 15.93
N GLY A 805 -36.97 -14.80 16.84
CA GLY A 805 -37.08 -15.76 17.91
C GLY A 805 -38.26 -15.49 18.83
N PHE A 806 -38.77 -14.26 18.83
CA PHE A 806 -39.94 -13.97 19.65
C PHE A 806 -41.18 -14.68 19.14
N GLY A 807 -41.12 -15.29 17.96
CA GLY A 807 -42.19 -16.17 17.55
C GLY A 807 -42.29 -17.45 18.36
N ILE A 808 -41.29 -17.74 19.21
CA ILE A 808 -41.34 -18.95 20.01
C ILE A 808 -42.42 -18.87 21.07
N GLY A 809 -42.93 -17.67 21.36
CA GLY A 809 -43.94 -17.52 22.38
C GLY A 809 -45.34 -17.40 21.80
N THR A 810 -45.44 -16.84 20.60
CA THR A 810 -46.70 -16.75 19.88
C THR A 810 -47.32 -18.11 19.61
N ILE A 811 -46.50 -19.13 19.35
CA ILE A 811 -46.98 -20.49 19.14
C ILE A 811 -47.44 -21.17 20.42
N VAL A 812 -47.06 -20.65 21.60
CA VAL A 812 -47.32 -21.35 22.85
C VAL A 812 -48.07 -20.47 23.86
N ASP A 813 -48.77 -19.46 23.39
CA ASP A 813 -49.48 -18.55 24.29
C ASP A 813 -50.56 -17.84 23.48
N SER A 814 -51.33 -16.98 24.15
CA SER A 814 -52.44 -16.26 23.53
C SER A 814 -52.20 -14.76 23.46
N GLN A 815 -51.98 -14.10 24.60
CA GLN A 815 -51.88 -12.65 24.63
C GLN A 815 -50.87 -12.10 25.61
N ASN A 816 -50.33 -12.92 26.52
CA ASN A 816 -50.12 -12.55 27.91
C ASN A 816 -49.78 -11.08 28.15
N LEU A 817 -48.65 -10.60 27.63
CA LEU A 817 -48.37 -9.18 27.75
C LEU A 817 -48.17 -8.50 26.40
N ALA A 818 -47.22 -9.00 25.62
CA ALA A 818 -46.83 -8.30 24.39
C ALA A 818 -46.52 -9.22 23.22
N TRP A 819 -46.59 -10.53 23.39
CA TRP A 819 -46.09 -11.48 22.40
C TRP A 819 -46.62 -11.21 20.99
N HIS A 820 -47.90 -10.88 20.86
CA HIS A 820 -48.45 -10.57 19.54
C HIS A 820 -48.16 -9.13 19.08
N VAL A 821 -47.59 -8.28 19.94
CA VAL A 821 -47.40 -6.88 19.58
C VAL A 821 -45.93 -6.49 19.50
N ILE A 822 -45.05 -7.14 20.26
CA ILE A 822 -43.62 -6.89 20.06
C ILE A 822 -43.14 -7.61 18.80
N PHE A 823 -43.78 -8.72 18.46
CA PHE A 823 -43.47 -9.42 17.22
C PHE A 823 -43.59 -8.50 16.03
N ALA A 824 -44.72 -7.81 15.90
CA ALA A 824 -44.93 -6.96 14.74
C ALA A 824 -43.93 -5.82 14.70
N LEU A 825 -43.80 -5.09 15.80
CA LEU A 825 -42.99 -3.87 15.77
C LEU A 825 -41.50 -4.20 15.71
N LEU A 826 -41.11 -5.43 16.04
CA LEU A 826 -39.71 -5.83 15.91
C LEU A 826 -39.40 -6.39 14.53
N ASN A 827 -40.33 -7.17 13.94
CA ASN A 827 -39.97 -7.95 12.77
C ASN A 827 -40.52 -7.36 11.48
N ALA A 828 -41.50 -6.46 11.55
CA ALA A 828 -42.04 -5.89 10.32
C ALA A 828 -41.17 -4.76 9.79
N PHE A 829 -40.30 -4.19 10.62
CA PHE A 829 -39.38 -3.12 10.23
C PHE A 829 -37.99 -3.67 9.93
N GLN A 830 -37.94 -4.92 9.44
CA GLN A 830 -36.67 -5.56 9.12
C GLN A 830 -35.90 -4.76 8.07
N GLY A 831 -36.59 -4.33 7.02
CA GLY A 831 -35.92 -3.55 5.99
C GLY A 831 -35.45 -2.20 6.48
N PHE A 832 -36.24 -1.57 7.34
CA PHE A 832 -35.82 -0.30 7.94
C PHE A 832 -34.56 -0.48 8.76
N PHE A 833 -34.51 -1.54 9.56
CA PHE A 833 -33.33 -1.79 10.38
C PHE A 833 -32.11 -2.11 9.51
N ILE A 834 -32.31 -2.86 8.43
CA ILE A 834 -31.19 -3.20 7.55
C ILE A 834 -30.65 -1.95 6.86
N LEU A 835 -31.55 -1.07 6.41
CA LEU A 835 -31.10 0.16 5.77
C LEU A 835 -30.44 1.11 6.77
N CYS A 836 -30.85 1.06 8.04
CA CYS A 836 -30.31 2.01 9.01
C CYS A 836 -28.97 1.55 9.57
N PHE A 837 -28.86 0.28 9.95
CA PHE A 837 -27.67 -0.24 10.62
C PHE A 837 -26.75 -1.04 9.72
N GLY A 838 -27.29 -1.80 8.76
CA GLY A 838 -26.46 -2.72 8.00
C GLY A 838 -25.81 -2.11 6.78
N ILE A 839 -26.24 -0.93 6.37
CA ILE A 839 -25.73 -0.29 5.16
C ILE A 839 -25.20 1.11 5.43
N LEU A 840 -26.02 1.98 6.01
CA LEU A 840 -25.62 3.37 6.19
C LEU A 840 -24.64 3.57 7.34
N LEU A 841 -24.44 2.57 8.18
CA LEU A 841 -23.46 2.67 9.26
C LEU A 841 -22.12 2.08 8.86
N ASP A 842 -22.01 1.51 7.65
CA ASP A 842 -20.72 1.12 7.11
C ASP A 842 -19.85 2.36 6.91
N SER A 843 -18.53 2.15 7.01
CA SER A 843 -17.57 3.25 6.93
C SER A 843 -17.22 3.61 5.48
N LYS A 844 -16.81 2.62 4.69
CA LYS A 844 -16.41 2.89 3.31
C LYS A 844 -17.61 3.28 2.45
N LEU A 845 -18.72 2.55 2.59
CA LEU A 845 -19.88 2.81 1.74
C LEU A 845 -20.45 4.19 1.98
N ARG A 846 -20.53 4.62 3.25
CA ARG A 846 -21.03 5.95 3.55
C ARG A 846 -20.13 7.03 2.93
N GLN A 847 -18.81 6.84 3.03
CA GLN A 847 -17.89 7.81 2.45
C GLN A 847 -18.04 7.90 0.94
N LEU A 848 -18.17 6.73 0.28
CA LEU A 848 -18.38 6.74 -1.16
C LEU A 848 -19.70 7.41 -1.53
N LEU A 849 -20.75 7.11 -0.78
CA LEU A 849 -22.06 7.73 -1.03
C LEU A 849 -21.99 9.25 -0.92
N PHE A 850 -21.38 9.74 0.16
CA PHE A 850 -21.30 11.18 0.37
C PHE A 850 -20.38 11.86 -0.63
N ASN A 851 -19.28 11.20 -1.03
CA ASN A 851 -18.42 11.78 -2.05
C ASN A 851 -19.12 11.86 -3.40
N LYS A 852 -19.89 10.81 -3.77
CA LYS A 852 -20.64 10.87 -5.01
C LYS A 852 -21.73 11.94 -4.95
N LEU A 853 -22.39 12.07 -3.81
CA LEU A 853 -23.42 13.10 -3.66
C LEU A 853 -22.82 14.50 -3.76
N SER A 854 -21.67 14.71 -3.12
CA SER A 854 -21.02 16.01 -3.15
C SER A 854 -20.28 16.23 -4.47
N SER B 8 37.43 15.61 2.74
CA SER B 8 38.84 15.26 2.81
C SER B 8 39.62 15.94 1.69
N ILE B 9 40.94 15.71 1.67
CA ILE B 9 41.79 16.32 0.65
C ILE B 9 41.48 15.74 -0.73
N ALA B 10 41.37 14.41 -0.82
CA ALA B 10 41.11 13.77 -2.11
C ALA B 10 39.74 14.13 -2.65
N GLN B 11 38.72 14.15 -1.79
CA GLN B 11 37.37 14.48 -2.23
C GLN B 11 37.31 15.91 -2.75
N ALA B 12 37.92 16.85 -2.02
CA ALA B 12 37.94 18.24 -2.46
C ALA B 12 38.74 18.39 -3.75
N ARG B 13 39.85 17.66 -3.89
CA ARG B 13 40.63 17.72 -5.12
C ARG B 13 39.83 17.22 -6.31
N LYS B 14 39.11 16.11 -6.14
CA LYS B 14 38.26 15.60 -7.21
C LYS B 14 37.15 16.58 -7.56
N LEU B 15 36.54 17.20 -6.54
CA LEU B 15 35.49 18.18 -6.80
C LEU B 15 36.04 19.37 -7.58
N VAL B 16 37.22 19.86 -7.19
CA VAL B 16 37.83 20.99 -7.90
C VAL B 16 38.13 20.61 -9.35
N GLU B 17 38.70 19.42 -9.55
CA GLU B 17 39.04 19.00 -10.90
C GLU B 17 37.80 18.88 -11.77
N GLN B 18 36.72 18.29 -11.25
CA GLN B 18 35.50 18.15 -12.03
C GLN B 18 34.85 19.50 -12.32
N LEU B 19 34.81 20.37 -11.31
CA LEU B 19 34.26 21.70 -11.52
C LEU B 19 35.09 22.51 -12.52
N LYS B 20 36.37 22.17 -12.67
CA LYS B 20 37.19 22.84 -13.67
C LYS B 20 36.67 22.55 -15.08
N MET B 21 36.38 21.29 -15.37
CA MET B 21 35.79 20.98 -16.68
C MET B 21 34.36 21.52 -16.78
N GLU B 22 33.60 21.48 -15.69
CA GLU B 22 32.22 21.92 -15.76
C GLU B 22 32.06 23.43 -15.87
N ALA B 23 33.12 24.20 -15.66
CA ALA B 23 33.01 25.66 -15.66
C ALA B 23 33.58 26.33 -16.89
N ASN B 24 33.97 25.57 -17.92
CA ASN B 24 34.56 26.12 -19.14
C ASN B 24 33.95 25.47 -20.37
N ILE B 25 32.62 25.40 -20.41
CA ILE B 25 31.90 24.78 -21.51
C ILE B 25 31.08 25.85 -22.22
N ASP B 26 30.94 25.70 -23.54
CA ASP B 26 30.19 26.67 -24.33
C ASP B 26 28.72 26.66 -23.96
N ARG B 27 28.08 27.82 -24.09
CA ARG B 27 26.68 27.98 -23.79
C ARG B 27 26.02 28.85 -24.86
N ILE B 28 24.69 28.84 -24.87
CA ILE B 28 23.87 29.68 -25.73
C ILE B 28 22.70 30.21 -24.91
N LYS B 29 22.02 31.21 -25.45
CA LYS B 29 20.97 31.86 -24.69
C LYS B 29 19.70 31.01 -24.67
N VAL B 30 18.76 31.39 -23.79
CA VAL B 30 17.56 30.58 -23.59
C VAL B 30 16.53 30.86 -24.68
N SER B 31 16.51 32.09 -25.20
CA SER B 31 15.55 32.39 -26.26
C SER B 31 15.92 31.70 -27.55
N LYS B 32 17.12 31.12 -27.63
CA LYS B 32 17.47 30.29 -28.76
C LYS B 32 17.20 28.81 -28.49
N ALA B 33 17.12 28.41 -27.22
CA ALA B 33 16.84 27.03 -26.85
C ALA B 33 15.39 26.84 -26.43
N ALA B 34 14.53 27.84 -26.62
CA ALA B 34 13.09 27.66 -26.53
C ALA B 34 12.44 27.56 -27.90
N ALA B 35 12.96 28.29 -28.89
CA ALA B 35 12.42 28.27 -30.22
C ALA B 35 12.57 26.91 -30.90
N ASP B 36 13.65 26.18 -30.59
CA ASP B 36 13.83 24.86 -31.20
C ASP B 36 12.76 23.89 -30.73
N LEU B 37 12.52 23.83 -29.41
CA LEU B 37 11.43 23.02 -28.89
C LEU B 37 10.09 23.46 -29.44
N MET B 38 9.88 24.78 -29.55
CA MET B 38 8.62 25.29 -30.07
C MET B 38 8.39 24.85 -31.52
N ALA B 39 9.43 24.91 -32.34
CA ALA B 39 9.29 24.58 -33.76
C ALA B 39 9.20 23.08 -33.99
N TYR B 40 9.84 22.27 -33.14
CA TYR B 40 9.80 20.83 -33.33
C TYR B 40 8.38 20.30 -33.28
N CYS B 41 7.57 20.80 -32.33
CA CYS B 41 6.21 20.33 -32.20
C CYS B 41 5.38 20.68 -33.42
N GLU B 42 5.56 21.88 -33.98
CA GLU B 42 4.81 22.26 -35.17
C GLU B 42 5.28 21.47 -36.39
N ALA B 43 6.54 21.03 -36.39
CA ALA B 43 7.01 20.20 -37.50
C ALA B 43 6.26 18.87 -37.56
N HIS B 44 6.05 18.23 -36.41
CA HIS B 44 5.46 16.90 -36.32
C HIS B 44 4.10 16.90 -35.63
N ALA B 45 3.26 17.90 -35.93
CA ALA B 45 2.00 18.05 -35.19
C ALA B 45 0.85 17.31 -35.84
N LYS B 46 0.95 16.99 -37.13
CA LYS B 46 -0.13 16.29 -37.83
C LYS B 46 -0.01 14.77 -37.74
N GLU B 47 1.09 14.25 -37.20
CA GLU B 47 1.30 12.81 -37.07
C GLU B 47 1.32 12.35 -35.62
N ASP B 48 0.68 13.08 -34.71
CA ASP B 48 0.61 12.67 -33.32
C ASP B 48 -0.80 12.20 -33.02
N PRO B 49 -1.04 10.89 -32.92
CA PRO B 49 -2.42 10.41 -32.71
C PRO B 49 -3.09 10.88 -31.44
N LEU B 50 -2.33 11.09 -30.35
CA LEU B 50 -2.97 11.45 -29.09
C LEU B 50 -3.32 12.92 -28.99
N LEU B 51 -2.94 13.73 -29.96
CA LEU B 51 -3.47 15.08 -30.12
C LEU B 51 -4.56 15.15 -31.19
N THR B 52 -4.33 14.54 -32.34
CA THR B 52 -5.29 14.49 -33.44
C THR B 52 -5.76 13.06 -33.59
N PRO B 53 -6.94 12.71 -33.06
CA PRO B 53 -7.39 11.31 -33.15
C PRO B 53 -7.65 10.90 -34.58
N VAL B 54 -7.76 9.58 -34.77
CA VAL B 54 -7.85 8.98 -36.10
C VAL B 54 -9.26 8.41 -36.30
N PRO B 55 -9.68 8.15 -37.54
CA PRO B 55 -10.95 7.45 -37.73
C PRO B 55 -10.86 6.02 -37.24
N ALA B 56 -12.00 5.45 -36.87
CA ALA B 56 -12.03 4.12 -36.30
C ALA B 56 -11.63 3.05 -37.30
N SER B 57 -11.59 3.37 -38.60
CA SER B 57 -11.21 2.40 -39.60
C SER B 57 -9.72 2.10 -39.60
N GLU B 58 -8.91 2.96 -38.99
CA GLU B 58 -7.47 2.76 -38.93
C GLU B 58 -6.97 2.55 -37.51
N ASN B 59 -7.87 2.42 -36.53
CA ASN B 59 -7.49 2.28 -35.15
C ASN B 59 -7.50 0.81 -34.77
N PRO B 60 -6.34 0.20 -34.46
CA PRO B 60 -6.33 -1.24 -34.17
C PRO B 60 -6.93 -1.59 -32.83
N PHE B 61 -6.97 -0.65 -31.89
CA PHE B 61 -7.44 -0.94 -30.53
C PHE B 61 -8.93 -0.67 -30.35
N ARG B 62 -9.61 -0.23 -31.41
CA ARG B 62 -11.04 0.05 -31.36
C ARG B 62 -11.83 -0.68 -32.43
N GLU B 63 -11.25 -0.86 -33.62
CA GLU B 63 -11.92 -1.56 -34.71
C GLU B 63 -12.22 -3.01 -34.36
N LEU C 5 -11.66 -17.64 -38.36
CA LEU C 5 -10.39 -17.90 -37.67
C LEU C 5 -9.54 -18.90 -38.44
N SER C 6 -8.34 -18.47 -38.84
CA SER C 6 -7.42 -19.32 -39.56
C SER C 6 -6.71 -20.26 -38.58
N ALA C 7 -5.73 -21.01 -39.08
CA ALA C 7 -4.99 -21.93 -38.23
C ALA C 7 -4.12 -21.19 -37.22
N GLU C 8 -3.53 -20.07 -37.63
CA GLU C 8 -2.67 -19.31 -36.72
C GLU C 8 -3.43 -18.83 -35.49
N ASP C 9 -4.64 -18.29 -35.70
CA ASP C 9 -5.43 -17.82 -34.56
C ASP C 9 -5.84 -18.96 -33.64
N LYS C 10 -6.21 -20.11 -34.22
CA LYS C 10 -6.55 -21.26 -33.40
C LYS C 10 -5.35 -21.59 -32.54
N ALA C 11 -4.17 -21.79 -33.16
CA ALA C 11 -3.00 -22.18 -32.39
C ALA C 11 -2.69 -21.17 -31.30
N ALA C 12 -2.84 -19.87 -31.59
CA ALA C 12 -2.62 -18.85 -30.58
C ALA C 12 -3.55 -19.04 -29.39
N VAL C 13 -4.83 -19.29 -29.65
CA VAL C 13 -5.78 -19.46 -28.56
C VAL C 13 -5.50 -20.75 -27.79
N GLU C 14 -5.07 -21.82 -28.47
CA GLU C 14 -4.71 -23.04 -27.75
C GLU C 14 -3.55 -22.79 -26.79
N ARG C 15 -2.53 -22.10 -27.26
CA ARG C 15 -1.38 -21.81 -26.40
C ARG C 15 -1.77 -20.92 -25.23
N SER C 16 -2.64 -19.93 -25.45
CA SER C 16 -3.08 -19.07 -24.36
C SER C 16 -3.87 -19.84 -23.30
N LYS C 17 -4.75 -20.74 -23.72
CA LYS C 17 -5.46 -21.57 -22.75
C LYS C 17 -4.49 -22.46 -21.98
N MET C 18 -3.50 -23.05 -22.67
CA MET C 18 -2.54 -23.88 -21.97
C MET C 18 -1.70 -23.08 -20.97
N ILE C 19 -1.54 -21.78 -21.20
CA ILE C 19 -0.79 -20.95 -20.24
C ILE C 19 -1.66 -20.60 -19.03
N GLU C 20 -2.93 -20.26 -19.26
CA GLU C 20 -3.83 -20.03 -18.13
C GLU C 20 -3.95 -21.26 -17.25
N LYS C 21 -3.89 -22.45 -17.86
CA LYS C 21 -4.03 -23.69 -17.09
C LYS C 21 -2.89 -23.87 -16.10
N GLN C 22 -1.72 -23.32 -16.41
CA GLN C 22 -0.59 -23.40 -15.48
C GLN C 22 -0.60 -22.25 -14.48
N LEU C 23 -1.04 -21.06 -14.90
CA LEU C 23 -1.19 -19.98 -13.93
C LEU C 23 -2.17 -20.34 -12.82
N GLN C 24 -3.20 -21.13 -13.13
CA GLN C 24 -4.13 -21.55 -12.08
C GLN C 24 -3.47 -22.45 -11.04
N LYS C 25 -2.48 -23.26 -11.42
CA LYS C 25 -1.74 -24.01 -10.41
C LYS C 25 -0.78 -23.11 -9.66
N ASP C 26 -0.22 -22.09 -10.32
CA ASP C 26 0.69 -21.19 -9.63
C ASP C 26 0.00 -20.39 -8.53
N LYS C 27 -1.27 -20.03 -8.75
CA LYS C 27 -2.00 -19.24 -7.76
C LYS C 27 -2.06 -19.93 -6.39
N GLN C 28 -2.40 -21.21 -6.37
CA GLN C 28 -2.56 -21.92 -5.09
C GLN C 28 -1.25 -21.96 -4.29
N VAL C 29 -0.15 -22.33 -4.96
CA VAL C 29 1.13 -22.41 -4.27
C VAL C 29 1.57 -21.04 -3.79
N TYR C 30 1.33 -19.99 -4.58
CA TYR C 30 1.66 -18.65 -4.10
C TYR C 30 0.84 -18.29 -2.87
N ARG C 31 -0.43 -18.65 -2.85
CA ARG C 31 -1.32 -18.20 -1.77
C ARG C 31 -1.20 -19.04 -0.51
N ALA C 32 -0.58 -20.21 -0.57
CA ALA C 32 -0.45 -21.07 0.59
C ALA C 32 0.82 -20.84 1.39
N THR C 33 1.55 -19.76 1.15
CA THR C 33 2.77 -19.44 1.87
C THR C 33 2.71 -18.03 2.42
N HIS C 34 3.38 -17.82 3.56
CA HIS C 34 3.37 -16.56 4.27
C HIS C 34 4.78 -15.99 4.35
N ARG C 35 4.88 -14.66 4.26
CA ARG C 35 6.15 -13.97 4.15
C ARG C 35 6.38 -13.07 5.36
N LEU C 36 7.62 -13.05 5.84
CA LEU C 36 8.00 -12.28 7.02
C LEU C 36 9.34 -11.60 6.79
N LEU C 37 9.53 -10.46 7.44
CA LEU C 37 10.78 -9.69 7.37
C LEU C 37 11.44 -9.68 8.73
N LEU C 38 12.77 -9.74 8.74
CA LEU C 38 13.56 -9.79 9.97
C LEU C 38 14.50 -8.60 10.03
N LEU C 39 14.47 -7.88 11.15
CA LEU C 39 15.26 -6.67 11.31
C LEU C 39 15.94 -6.64 12.68
N GLY C 40 17.07 -5.94 12.71
CA GLY C 40 17.86 -5.81 13.92
C GLY C 40 19.11 -5.00 13.65
N ALA C 41 20.04 -5.08 14.59
CA ALA C 41 21.31 -4.36 14.53
C ALA C 41 22.47 -5.35 14.62
N ASP C 42 23.68 -4.81 14.47
CA ASP C 42 24.87 -5.66 14.37
C ASP C 42 25.20 -6.39 15.67
N ASN C 43 24.67 -5.95 16.80
CA ASN C 43 24.92 -6.56 18.10
C ASN C 43 23.64 -7.10 18.73
N SER C 44 22.80 -7.75 17.93
CA SER C 44 21.45 -8.09 18.35
C SER C 44 21.17 -9.59 18.45
N GLY C 45 22.08 -10.44 18.01
CA GLY C 45 21.77 -11.86 18.00
C GLY C 45 20.79 -12.26 16.93
N LYS C 46 20.75 -11.53 15.82
CA LYS C 46 19.79 -11.81 14.76
C LYS C 46 19.96 -13.21 14.20
N SER C 47 21.21 -13.64 13.98
CA SER C 47 21.46 -14.90 13.30
C SER C 47 21.21 -16.11 14.19
N THR C 48 21.28 -15.93 15.51
CA THR C 48 21.11 -17.06 16.41
C THR C 48 19.68 -17.59 16.38
N ILE C 49 18.69 -16.69 16.34
CA ILE C 49 17.31 -17.14 16.25
C ILE C 49 17.06 -17.79 14.89
N VAL C 50 17.75 -17.33 13.85
CA VAL C 50 17.64 -17.97 12.54
C VAL C 50 18.19 -19.39 12.59
N LYS C 51 19.34 -19.58 13.24
CA LYS C 51 19.90 -20.92 13.38
C LYS C 51 18.98 -21.82 14.18
N GLN C 52 18.39 -21.30 15.27
CA GLN C 52 17.45 -22.10 16.06
C GLN C 52 16.21 -22.47 15.26
N MET C 53 15.69 -21.52 14.47
CA MET C 53 14.48 -21.76 13.69
C MET C 53 14.73 -22.63 12.47
N ARG C 54 15.98 -22.74 12.01
CA ARG C 54 16.29 -23.64 10.91
C ARG C 54 16.17 -25.11 11.29
N ILE C 55 16.02 -25.42 12.58
CA ILE C 55 15.75 -26.79 12.99
C ILE C 55 14.39 -27.23 12.46
N TYR C 56 13.43 -26.30 12.38
CA TYR C 56 12.10 -26.58 11.87
C TYR C 56 12.05 -26.66 10.35
N HIS C 57 13.19 -26.69 9.67
CA HIS C 57 13.22 -26.76 8.22
C HIS C 57 12.73 -28.12 7.73
N THR C 181 28.08 -9.83 -1.70
CA THR C 181 27.70 -10.78 -2.74
C THR C 181 26.19 -10.87 -2.87
N SER C 182 25.58 -11.71 -2.05
CA SER C 182 24.13 -11.92 -2.10
C SER C 182 23.40 -10.76 -1.44
N GLY C 183 22.44 -10.18 -2.16
CA GLY C 183 21.68 -9.07 -1.65
C GLY C 183 20.56 -9.42 -0.70
N ILE C 184 20.17 -10.69 -0.63
CA ILE C 184 19.07 -11.11 0.24
C ILE C 184 19.22 -12.60 0.50
N PHE C 185 18.82 -13.03 1.69
CA PHE C 185 18.84 -14.44 2.07
C PHE C 185 17.41 -14.94 2.22
N GLU C 186 17.28 -16.23 2.51
CA GLU C 186 15.97 -16.82 2.73
C GLU C 186 16.08 -18.01 3.66
N THR C 187 15.08 -18.17 4.52
CA THR C 187 14.96 -19.32 5.40
C THR C 187 13.53 -19.83 5.38
N LYS C 188 13.37 -21.14 5.28
CA LYS C 188 12.06 -21.77 5.23
C LYS C 188 11.86 -22.62 6.48
N PHE C 189 10.71 -22.45 7.13
CA PHE C 189 10.38 -23.33 8.24
C PHE C 189 8.89 -23.62 8.20
N GLN C 190 8.47 -24.60 9.00
CA GLN C 190 7.14 -25.17 8.89
C GLN C 190 6.63 -25.53 10.27
N VAL C 191 5.47 -25.00 10.64
CA VAL C 191 4.86 -25.29 11.93
C VAL C 191 3.43 -25.79 11.67
N ASP C 192 3.13 -26.99 12.17
CA ASP C 192 1.81 -27.60 12.05
C ASP C 192 1.29 -27.56 10.61
N LYS C 193 2.16 -27.98 9.68
CA LYS C 193 1.82 -28.03 8.26
C LYS C 193 1.41 -26.66 7.73
N VAL C 194 2.03 -25.60 8.26
CA VAL C 194 1.92 -24.27 7.71
C VAL C 194 3.32 -23.79 7.35
N ASN C 195 3.47 -23.26 6.15
CA ASN C 195 4.79 -22.95 5.57
C ASN C 195 5.10 -21.46 5.73
N PHE C 196 6.19 -21.15 6.42
CA PHE C 196 6.63 -19.78 6.66
C PHE C 196 7.97 -19.52 5.97
N HIS C 197 8.05 -18.39 5.26
CA HIS C 197 9.26 -17.88 4.65
C HIS C 197 9.77 -16.68 5.45
N MET C 198 11.09 -16.57 5.58
CA MET C 198 11.70 -15.46 6.31
C MET C 198 12.86 -14.90 5.49
N PHE C 199 12.95 -13.57 5.47
CA PHE C 199 13.87 -12.84 4.60
C PHE C 199 14.77 -11.95 5.43
N ASP C 200 16.07 -12.01 5.18
CA ASP C 200 17.06 -11.21 5.88
C ASP C 200 17.92 -10.52 4.83
N VAL C 201 18.15 -9.24 5.00
CA VAL C 201 18.79 -8.43 3.98
C VAL C 201 20.30 -8.39 4.24
N GLY C 202 21.07 -8.37 3.16
CA GLY C 202 22.52 -8.31 3.24
C GLY C 202 23.08 -7.67 2.00
N ALA C 203 24.38 -7.37 2.06
CA ALA C 203 25.12 -6.75 0.96
C ALA C 203 24.43 -5.49 0.46
N GLN C 204 23.99 -4.66 1.39
CA GLN C 204 23.37 -3.37 1.10
C GLN C 204 24.10 -2.27 1.86
N ARG C 205 23.71 -1.03 1.57
CA ARG C 205 24.25 0.12 2.27
C ARG C 205 23.39 0.42 3.50
N ASP C 206 23.69 1.52 4.19
CA ASP C 206 23.04 1.85 5.45
C ASP C 206 21.79 2.70 5.27
N GLU C 207 21.49 3.14 4.04
CA GLU C 207 20.29 3.91 3.76
C GLU C 207 19.17 2.97 3.33
N ARG C 208 18.03 3.03 4.03
CA ARG C 208 16.96 2.06 3.85
C ARG C 208 15.60 2.70 3.56
N ARG C 209 15.53 3.73 2.73
CA ARG C 209 14.26 4.39 2.48
C ARG C 209 13.74 4.21 1.07
N LYS C 210 14.34 3.31 0.28
CA LYS C 210 13.85 3.01 -1.04
C LYS C 210 13.54 1.54 -1.25
N TRP C 211 14.30 0.63 -0.66
CA TRP C 211 14.01 -0.79 -0.78
C TRP C 211 13.15 -1.31 0.36
N ILE C 212 12.77 -0.46 1.30
CA ILE C 212 11.87 -0.87 2.37
C ILE C 212 10.43 -0.86 1.88
N GLN C 213 10.17 -0.21 0.75
CA GLN C 213 8.85 -0.14 0.16
C GLN C 213 8.39 -1.46 -0.44
N CYS C 214 9.30 -2.42 -0.61
CA CYS C 214 8.98 -3.70 -1.21
C CYS C 214 8.28 -4.65 -0.26
N PHE C 215 8.24 -4.33 1.02
CA PHE C 215 7.79 -5.26 2.05
C PHE C 215 6.48 -4.79 2.68
N ASN C 216 5.59 -4.24 1.87
CA ASN C 216 4.32 -3.71 2.38
C ASN C 216 3.18 -4.71 2.31
N ASP C 217 3.44 -5.95 1.91
CA ASP C 217 2.42 -6.99 1.85
C ASP C 217 2.78 -8.21 2.67
N VAL C 218 3.70 -8.08 3.62
CA VAL C 218 4.06 -9.19 4.49
C VAL C 218 3.08 -9.28 5.66
N THR C 219 3.03 -10.45 6.28
CA THR C 219 2.11 -10.65 7.39
C THR C 219 2.58 -9.89 8.63
N ALA C 220 3.88 -9.73 8.81
CA ALA C 220 4.41 -9.12 10.02
C ALA C 220 5.85 -8.69 9.77
N ILE C 221 6.40 -7.96 10.74
CA ILE C 221 7.81 -7.60 10.77
C ILE C 221 8.35 -8.00 12.14
N ILE C 222 9.50 -8.66 12.15
CA ILE C 222 10.12 -9.12 13.39
C ILE C 222 11.29 -8.19 13.70
N PHE C 223 11.33 -7.69 14.93
CA PHE C 223 12.29 -6.67 15.34
C PHE C 223 13.03 -7.16 16.57
N VAL C 224 14.33 -7.37 16.45
CA VAL C 224 15.13 -7.90 17.55
C VAL C 224 16.00 -6.79 18.10
N VAL C 225 16.01 -6.62 19.43
CA VAL C 225 16.72 -5.52 20.07
C VAL C 225 17.55 -6.04 21.24
N ASP C 226 18.77 -5.53 21.35
CA ASP C 226 19.69 -5.91 22.42
C ASP C 226 19.37 -5.03 23.63
N SER C 227 18.95 -5.67 24.73
CA SER C 227 18.60 -4.97 25.95
C SER C 227 19.62 -5.17 27.06
N SER C 228 20.90 -5.28 26.72
CA SER C 228 21.97 -5.39 27.71
C SER C 228 23.05 -4.35 27.51
N ASP C 229 22.87 -3.42 26.58
CA ASP C 229 23.82 -2.33 26.32
C ASP C 229 23.06 -1.03 26.44
N TYR C 230 23.25 -0.32 27.57
CA TYR C 230 22.48 0.88 27.83
C TYR C 230 22.87 2.04 26.93
N ASN C 231 24.04 1.96 26.29
CA ASN C 231 24.55 3.08 25.51
C ASN C 231 23.89 3.16 24.13
N ARG C 232 23.17 2.11 23.72
CA ARG C 232 22.61 2.05 22.38
C ARG C 232 21.09 1.99 22.33
N LEU C 233 20.40 1.90 23.47
CA LEU C 233 18.95 1.70 23.42
C LEU C 233 18.22 2.88 22.82
N GLN C 234 18.77 4.09 22.97
CA GLN C 234 18.13 5.27 22.37
C GLN C 234 18.11 5.17 20.86
N GLU C 235 19.19 4.67 20.27
CA GLU C 235 19.22 4.45 18.83
C GLU C 235 18.16 3.44 18.41
N ALA C 236 17.97 2.38 19.18
CA ALA C 236 16.94 1.40 18.86
C ALA C 236 15.54 1.99 18.95
N LEU C 237 15.28 2.82 19.96
CA LEU C 237 13.98 3.48 20.06
C LEU C 237 13.74 4.38 18.85
N ASN C 238 14.75 5.15 18.45
CA ASN C 238 14.60 6.04 17.31
C ASN C 238 14.41 5.25 16.02
N ASP C 239 15.01 4.05 15.94
CA ASP C 239 14.80 3.19 14.79
C ASP C 239 13.39 2.60 14.78
N PHE C 240 12.81 2.36 15.94
CA PHE C 240 11.46 1.83 16.03
C PHE C 240 10.41 2.87 15.64
N LYS C 241 10.61 4.13 16.05
CA LYS C 241 9.61 5.16 15.73
C LYS C 241 9.48 5.36 14.23
N SER C 242 10.60 5.38 13.50
CA SER C 242 10.53 5.62 12.05
C SER C 242 9.79 4.50 11.33
N ILE C 243 9.91 3.26 11.82
CA ILE C 243 9.16 2.16 11.25
C ILE C 243 7.68 2.26 11.59
N TRP C 244 7.36 2.67 12.82
CA TRP C 244 5.95 2.78 13.21
C TRP C 244 5.20 3.80 12.37
N ASN C 245 5.80 4.95 12.10
CA ASN C 245 5.09 6.09 11.52
C ASN C 245 5.35 6.25 10.02
N ASN C 246 5.83 5.23 9.34
CA ASN C 246 6.04 5.32 7.90
C ASN C 246 4.71 5.15 7.17
N ARG C 247 4.66 5.69 5.95
CA ARG C 247 3.40 5.75 5.23
C ARG C 247 2.96 4.39 4.70
N TRP C 248 3.88 3.64 4.10
CA TRP C 248 3.53 2.38 3.46
C TRP C 248 3.55 1.20 4.41
N LEU C 249 3.85 1.42 5.69
CA LEU C 249 3.85 0.37 6.70
C LEU C 249 2.89 0.67 7.85
N ARG C 250 1.72 1.23 7.55
CA ARG C 250 0.72 1.53 8.56
C ARG C 250 -0.32 0.43 8.72
N THR C 251 -0.18 -0.69 8.02
CA THR C 251 -1.04 -1.85 8.22
C THR C 251 -0.23 -3.09 8.57
N ILE C 252 1.03 -2.92 8.94
CA ILE C 252 1.93 -4.03 9.23
C ILE C 252 2.20 -4.04 10.73
N SER C 253 2.03 -5.21 11.34
CA SER C 253 2.27 -5.36 12.76
C SER C 253 3.71 -5.80 13.01
N VAL C 254 4.12 -5.67 14.27
CA VAL C 254 5.50 -5.90 14.67
C VAL C 254 5.52 -6.90 15.82
N ILE C 255 6.44 -7.86 15.75
CA ILE C 255 6.72 -8.76 16.85
C ILE C 255 8.09 -8.38 17.41
N LEU C 256 8.11 -8.00 18.68
CA LEU C 256 9.28 -7.39 19.30
C LEU C 256 9.96 -8.39 20.21
N PHE C 257 11.24 -8.65 19.96
CA PHE C 257 12.04 -9.54 20.80
C PHE C 257 13.08 -8.71 21.54
N LEU C 258 13.08 -8.85 22.87
CA LEU C 258 14.02 -8.14 23.75
C LEU C 258 15.09 -9.16 24.12
N ASN C 259 16.09 -9.30 23.25
CA ASN C 259 17.06 -10.37 23.38
C ASN C 259 17.96 -10.16 24.60
N LYS C 260 18.67 -11.22 24.96
CA LYS C 260 19.77 -11.15 25.90
C LYS C 260 19.32 -10.66 27.28
N GLN C 261 18.42 -11.44 27.89
CA GLN C 261 18.04 -11.19 29.27
C GLN C 261 18.93 -11.88 30.27
N ASP C 262 19.83 -12.76 29.82
CA ASP C 262 20.80 -13.35 30.74
C ASP C 262 21.84 -12.33 31.16
N LEU C 263 22.40 -11.59 30.20
CA LEU C 263 23.44 -10.62 30.52
C LEU C 263 22.94 -9.50 31.41
N LEU C 264 21.68 -9.10 31.24
CA LEU C 264 21.11 -8.01 32.03
C LEU C 264 21.13 -8.34 33.51
N ALA C 265 20.91 -9.60 33.86
CA ALA C 265 20.90 -10.00 35.27
C ALA C 265 22.24 -9.67 35.93
N GLU C 266 23.34 -10.14 35.36
CA GLU C 266 24.63 -9.85 35.99
C GLU C 266 25.00 -8.39 35.87
N LYS C 267 24.65 -7.72 34.76
CA LYS C 267 25.02 -6.31 34.65
C LYS C 267 24.29 -5.46 35.69
N VAL C 268 23.07 -5.85 36.07
CA VAL C 268 22.35 -5.09 37.08
C VAL C 268 22.83 -5.45 38.48
N LEU C 269 22.97 -6.75 38.77
CA LEU C 269 23.41 -7.14 40.11
C LEU C 269 24.81 -6.65 40.43
N ALA C 270 25.73 -6.72 39.47
CA ALA C 270 27.13 -6.44 39.76
C ALA C 270 27.32 -5.04 40.34
N GLY C 271 26.77 -4.02 39.69
CA GLY C 271 26.80 -2.69 40.26
C GLY C 271 27.89 -1.79 39.74
N LYS C 272 28.27 -1.94 38.47
CA LYS C 272 29.27 -1.05 37.89
C LYS C 272 28.63 0.09 37.12
N SER C 273 27.46 -0.14 36.53
CA SER C 273 26.79 0.86 35.71
C SER C 273 25.43 1.20 36.31
N LYS C 274 25.05 2.46 36.17
CA LYS C 274 23.82 3.00 36.74
C LYS C 274 22.82 3.28 35.64
N ILE C 275 21.66 2.63 35.71
CA ILE C 275 20.65 2.79 34.66
C ILE C 275 20.06 4.20 34.70
N GLU C 276 19.99 4.81 35.89
CA GLU C 276 19.42 6.15 36.03
C GLU C 276 20.33 7.24 35.47
N ASP C 277 21.54 6.90 35.02
CA ASP C 277 22.43 7.91 34.44
C ASP C 277 22.16 8.13 32.97
N TYR C 278 21.56 7.16 32.29
CA TYR C 278 21.14 7.33 30.90
C TYR C 278 19.68 7.72 30.77
N PHE C 279 18.85 7.40 31.78
CA PHE C 279 17.43 7.74 31.79
C PHE C 279 17.06 8.26 33.18
N PRO C 280 16.84 9.57 33.34
CA PRO C 280 16.47 10.09 34.67
C PRO C 280 15.16 9.54 35.21
N GLU C 281 14.15 9.32 34.37
CA GLU C 281 12.82 8.96 34.85
C GLU C 281 12.80 7.65 35.62
N PHE C 282 13.83 6.82 35.47
CA PHE C 282 13.91 5.59 36.24
C PHE C 282 13.91 5.84 37.74
N ALA C 283 14.28 7.05 38.17
CA ALA C 283 14.26 7.37 39.59
C ALA C 283 12.85 7.42 40.17
N ARG C 284 11.82 7.48 39.33
CA ARG C 284 10.44 7.58 39.80
C ARG C 284 9.54 6.50 39.20
N TYR C 285 9.98 5.25 39.23
CA TYR C 285 9.26 4.15 38.60
C TYR C 285 8.94 3.05 39.60
N THR C 286 7.69 2.58 39.57
CA THR C 286 7.23 1.47 40.39
C THR C 286 6.79 0.32 39.48
N THR C 287 7.00 -0.90 39.96
CA THR C 287 6.67 -2.08 39.16
C THR C 287 5.17 -2.14 38.92
N PRO C 288 4.72 -2.37 37.69
CA PRO C 288 3.29 -2.54 37.46
C PRO C 288 2.77 -3.80 38.15
N GLU C 289 1.50 -3.73 38.59
CA GLU C 289 0.92 -4.81 39.37
C GLU C 289 0.49 -6.00 38.52
N ASP C 290 0.53 -5.87 37.19
CA ASP C 290 0.24 -7.00 36.32
C ASP C 290 1.48 -7.80 35.95
N ALA C 291 2.63 -7.49 36.53
CA ALA C 291 3.85 -8.23 36.26
C ALA C 291 3.83 -9.57 36.99
N THR C 292 4.48 -10.56 36.38
CA THR C 292 4.53 -11.92 36.92
C THR C 292 5.98 -12.39 36.98
N PRO C 293 6.72 -12.00 38.01
CA PRO C 293 8.10 -12.49 38.15
C PRO C 293 8.15 -13.96 38.55
N GLU C 294 7.81 -14.83 37.61
CA GLU C 294 7.74 -16.26 37.89
C GLU C 294 9.07 -16.88 38.32
N PRO C 295 10.21 -16.60 37.68
CA PRO C 295 11.43 -17.38 37.99
C PRO C 295 11.87 -17.31 39.45
N GLY C 296 11.53 -16.27 40.19
CA GLY C 296 12.01 -16.16 41.56
C GLY C 296 13.30 -15.37 41.63
N GLU C 297 13.28 -14.15 41.11
CA GLU C 297 14.47 -13.36 40.88
C GLU C 297 14.52 -12.16 41.81
N ASP C 298 15.67 -11.48 41.79
CA ASP C 298 15.83 -10.25 42.56
C ASP C 298 14.97 -9.16 41.93
N PRO C 299 14.12 -8.47 42.71
CA PRO C 299 13.18 -7.52 42.11
C PRO C 299 13.81 -6.42 41.27
N ARG C 300 15.07 -6.06 41.54
CA ARG C 300 15.75 -5.08 40.69
C ARG C 300 15.77 -5.54 39.25
N VAL C 301 15.95 -6.84 39.01
CA VAL C 301 15.92 -7.37 37.65
C VAL C 301 14.56 -7.12 37.02
N THR C 302 13.48 -7.29 37.78
CA THR C 302 12.15 -7.10 37.22
C THR C 302 11.86 -5.64 36.90
N ARG C 303 12.26 -4.72 37.80
CA ARG C 303 12.14 -3.30 37.50
C ARG C 303 12.85 -2.95 36.20
N ALA C 304 14.12 -3.38 36.08
CA ALA C 304 14.88 -3.09 34.88
C ALA C 304 14.23 -3.69 33.64
N LYS C 305 13.80 -4.94 33.73
CA LYS C 305 13.16 -5.61 32.59
C LYS C 305 11.96 -4.82 32.11
N TYR C 306 11.05 -4.46 33.01
CA TYR C 306 9.79 -3.89 32.58
C TYR C 306 9.89 -2.41 32.20
N PHE C 307 10.91 -1.70 32.70
CA PHE C 307 11.05 -0.29 32.34
C PHE C 307 11.19 -0.11 30.83
N ILE C 308 12.06 -0.89 30.20
CA ILE C 308 12.32 -0.74 28.77
C ILE C 308 11.10 -1.12 27.93
N ARG C 309 10.37 -2.15 28.37
CA ARG C 309 9.16 -2.53 27.63
C ARG C 309 8.12 -1.43 27.72
N ASP C 310 8.01 -0.77 28.87
CA ASP C 310 7.14 0.40 28.95
C ASP C 310 7.62 1.51 28.02
N GLU C 311 8.94 1.71 27.93
CA GLU C 311 9.49 2.72 27.03
C GLU C 311 9.11 2.46 25.59
N PHE C 312 9.06 1.18 25.18
CA PHE C 312 8.65 0.85 23.82
C PHE C 312 7.14 0.96 23.63
N LEU C 313 6.36 0.50 24.61
CA LEU C 313 4.91 0.51 24.46
C LEU C 313 4.31 1.91 24.52
N ARG C 314 5.01 2.88 25.11
CA ARG C 314 4.56 4.27 24.98
C ARG C 314 4.47 4.70 23.52
N ILE C 315 5.57 4.53 22.78
CA ILE C 315 5.59 4.86 21.36
C ILE C 315 4.58 4.00 20.61
N SER C 316 4.44 2.73 21.01
CA SER C 316 3.47 1.87 20.34
C SER C 316 2.05 2.41 20.47
N THR C 317 1.66 2.82 21.67
CA THR C 317 0.29 3.22 21.94
C THR C 317 -0.02 4.64 21.48
N ALA C 318 0.97 5.54 21.51
CA ALA C 318 0.68 6.96 21.33
C ALA C 318 0.05 7.26 19.97
N SER C 319 0.76 7.00 18.89
CA SER C 319 0.40 7.49 17.57
C SER C 319 -0.35 6.47 16.72
N GLY C 320 -0.77 5.35 17.31
CA GLY C 320 -1.52 4.37 16.54
C GLY C 320 -2.96 4.80 16.30
N ASP C 321 -3.66 4.02 15.47
CA ASP C 321 -5.05 4.32 15.13
C ASP C 321 -5.92 3.08 15.11
N GLY C 322 -5.56 2.05 15.86
CA GLY C 322 -6.35 0.84 15.88
C GLY C 322 -6.22 -0.04 14.65
N ARG C 323 -5.24 0.21 13.80
CA ARG C 323 -5.08 -0.54 12.57
C ARG C 323 -3.92 -1.52 12.59
N HIS C 324 -3.00 -1.39 13.56
CA HIS C 324 -1.96 -2.38 13.74
C HIS C 324 -1.57 -2.43 15.22
N TYR C 325 -0.86 -3.49 15.60
CA TYR C 325 -0.53 -3.73 17.01
C TYR C 325 0.95 -4.02 17.22
N CYS C 326 1.30 -4.44 18.45
CA CYS C 326 2.67 -4.73 18.84
C CYS C 326 2.66 -5.82 19.90
N TYR C 327 3.64 -6.72 19.82
CA TYR C 327 3.71 -7.88 20.70
C TYR C 327 5.09 -8.00 21.33
N PRO C 328 5.23 -7.78 22.63
CA PRO C 328 6.54 -7.90 23.29
C PRO C 328 6.83 -9.26 23.90
N HIS C 329 8.08 -9.72 23.84
CA HIS C 329 8.50 -10.98 24.43
C HIS C 329 9.90 -10.86 25.00
N PHE C 330 10.21 -11.71 25.98
CA PHE C 330 11.53 -11.79 26.60
C PHE C 330 12.22 -13.08 26.15
N THR C 331 13.36 -12.94 25.48
CA THR C 331 14.08 -14.09 24.94
C THR C 331 15.51 -14.13 25.47
N CYS C 332 16.18 -15.24 25.16
CA CYS C 332 17.59 -15.41 25.44
C CYS C 332 18.19 -16.27 24.34
N SER C 333 19.48 -16.60 24.49
CA SER C 333 20.19 -17.33 23.45
C SER C 333 19.99 -18.84 23.51
N VAL C 334 19.20 -19.35 24.46
CA VAL C 334 19.02 -20.78 24.62
C VAL C 334 17.53 -21.17 24.62
N ASP C 335 16.67 -20.34 24.06
CA ASP C 335 15.26 -20.67 23.93
C ASP C 335 15.00 -21.46 22.66
N THR C 336 13.96 -22.29 22.70
CA THR C 336 13.56 -23.10 21.56
C THR C 336 12.18 -22.76 21.02
N GLU C 337 11.44 -21.87 21.68
CA GLU C 337 10.02 -21.67 21.42
C GLU C 337 9.72 -20.47 20.54
N ASN C 338 10.66 -20.05 19.69
CA ASN C 338 10.45 -18.81 18.96
C ASN C 338 9.62 -19.00 17.69
N ALA C 339 9.36 -20.23 17.28
CA ALA C 339 8.44 -20.44 16.15
C ALA C 339 6.98 -20.45 16.58
N ARG C 340 6.69 -21.05 17.73
CA ARG C 340 5.32 -21.15 18.21
C ARG C 340 4.74 -19.77 18.48
N ARG C 341 5.56 -18.84 18.96
CA ARG C 341 5.07 -17.50 19.26
C ARG C 341 4.69 -16.75 17.98
N ILE C 342 5.52 -16.85 16.94
CA ILE C 342 5.18 -16.23 15.67
C ILE C 342 3.90 -16.84 15.10
N PHE C 343 3.75 -18.16 15.21
CA PHE C 343 2.53 -18.82 14.79
C PHE C 343 1.30 -18.26 15.52
N ASN C 344 1.37 -18.20 16.85
CA ASN C 344 0.25 -17.76 17.65
C ASN C 344 -0.09 -16.29 17.41
N ASP C 345 0.90 -15.46 17.11
CA ASP C 345 0.63 -14.05 16.84
C ASP C 345 0.08 -13.84 15.43
N CYS C 346 0.52 -14.63 14.46
CA CYS C 346 -0.01 -14.50 13.11
C CYS C 346 -1.48 -14.91 13.05
N ARG C 347 -1.88 -15.92 13.83
CA ARG C 347 -3.31 -16.20 13.95
C ARG C 347 -4.09 -14.98 14.43
N ASP C 348 -3.59 -14.32 15.47
CA ASP C 348 -4.30 -13.18 16.05
C ASP C 348 -4.37 -12.07 15.02
N ILE C 349 -3.31 -11.85 14.25
CA ILE C 349 -3.34 -10.79 13.25
C ILE C 349 -4.42 -11.07 12.21
N ILE C 350 -4.49 -12.30 11.72
CA ILE C 350 -5.42 -12.62 10.65
C ILE C 350 -6.87 -12.53 11.12
N GLN C 351 -7.13 -12.99 12.36
CA GLN C 351 -8.47 -12.87 12.92
C GLN C 351 -8.93 -11.42 12.98
N ARG C 352 -8.03 -10.52 13.42
CA ARG C 352 -8.34 -9.10 13.42
C ARG C 352 -8.71 -8.59 12.03
N MET C 353 -7.89 -8.95 11.03
CA MET C 353 -8.21 -8.47 9.68
C MET C 353 -9.58 -8.95 9.23
N HIS C 354 -9.91 -10.22 9.49
CA HIS C 354 -11.21 -10.74 9.07
C HIS C 354 -12.35 -10.05 9.79
N LEU C 355 -12.20 -9.75 11.09
CA LEU C 355 -13.26 -9.05 11.78
C LEU C 355 -13.41 -7.60 11.33
N ARG C 356 -12.31 -6.91 11.02
CA ARG C 356 -12.45 -5.53 10.57
C ARG C 356 -13.04 -5.45 9.17
N GLN C 357 -12.84 -6.48 8.35
CA GLN C 357 -13.40 -6.38 7.01
C GLN C 357 -14.93 -6.46 7.02
N TYR C 358 -15.54 -6.85 8.13
CA TYR C 358 -16.99 -6.88 8.29
C TYR C 358 -17.54 -5.69 9.06
N GLU C 359 -16.69 -4.74 9.46
CA GLU C 359 -17.12 -3.58 10.25
C GLU C 359 -17.67 -4.00 11.61
N LEU C 360 -16.87 -4.77 12.34
CA LEU C 360 -17.21 -5.16 13.70
C LEU C 360 -16.20 -4.70 14.75
N LEU C 361 -14.98 -4.33 14.34
CA LEU C 361 -13.97 -3.88 15.28
C LEU C 361 -13.73 -2.39 15.14
N GLN D 23 19.79 22.98 -4.87
CA GLN D 23 21.07 22.99 -4.15
C GLN D 23 20.85 23.34 -2.69
N VAL D 24 20.82 22.31 -1.85
CA VAL D 24 20.52 22.45 -0.43
C VAL D 24 21.78 22.92 0.30
N GLN D 25 21.65 24.02 1.05
CA GLN D 25 22.73 24.56 1.84
C GLN D 25 22.30 24.73 3.29
N LEU D 26 23.14 24.24 4.21
CA LEU D 26 22.93 24.39 5.64
C LEU D 26 24.27 24.80 6.26
N GLN D 27 24.36 26.02 6.78
CA GLN D 27 25.61 26.56 7.31
C GLN D 27 25.45 26.87 8.79
N GLU D 28 26.40 26.40 9.59
CA GLU D 28 26.35 26.52 11.04
C GLU D 28 27.23 27.67 11.54
N SER D 29 26.96 28.12 12.77
CA SER D 29 27.80 29.12 13.40
C SER D 29 27.59 29.10 14.90
N GLY D 30 28.62 29.50 15.63
CA GLY D 30 28.51 29.71 17.07
C GLY D 30 29.32 28.79 17.97
N GLY D 31 30.46 28.32 17.50
CA GLY D 31 31.30 27.42 18.28
C GLY D 31 32.23 28.16 19.23
N GLY D 32 33.22 27.44 19.73
CA GLY D 32 34.26 28.04 20.53
C GLY D 32 34.68 27.16 21.70
N LEU D 33 35.36 27.81 22.65
CA LEU D 33 35.91 27.16 23.83
C LEU D 33 35.31 27.79 25.08
N VAL D 34 34.90 26.95 26.03
CA VAL D 34 34.13 27.39 27.19
C VAL D 34 34.56 26.60 28.41
N GLN D 35 34.56 27.27 29.57
CA GLN D 35 34.85 26.60 30.83
C GLN D 35 33.71 25.64 31.17
N PRO D 36 33.92 24.74 32.14
CA PRO D 36 32.81 23.91 32.62
C PRO D 36 31.77 24.75 33.35
N GLY D 37 30.52 24.62 32.92
CA GLY D 37 29.44 25.41 33.45
C GLY D 37 29.03 26.60 32.60
N GLY D 38 29.71 26.86 31.49
CA GLY D 38 29.44 28.02 30.67
C GLY D 38 28.31 27.80 29.68
N SER D 39 28.14 28.79 28.80
CA SER D 39 27.01 28.80 27.88
C SER D 39 27.42 29.37 26.53
N LEU D 40 26.71 28.95 25.49
CA LEU D 40 26.91 29.48 24.13
C LEU D 40 25.70 29.07 23.29
N ARG D 41 25.62 29.65 22.10
CA ARG D 41 24.42 29.55 21.26
C ARG D 41 24.79 29.08 19.87
N LEU D 42 24.08 28.08 19.36
CA LEU D 42 24.30 27.55 18.03
C LEU D 42 23.23 28.06 17.07
N SER D 43 23.64 28.40 15.84
CA SER D 43 22.70 28.93 14.86
C SER D 43 22.94 28.27 13.51
N CYS D 44 21.89 27.67 12.94
CA CYS D 44 21.92 27.09 11.60
C CYS D 44 21.10 27.94 10.65
N ALA D 45 21.70 28.28 9.51
CA ALA D 45 21.04 29.02 8.46
C ALA D 45 20.84 28.11 7.25
N ALA D 46 19.67 28.18 6.65
CA ALA D 46 19.29 27.30 5.55
C ALA D 46 19.11 28.09 4.26
N SER D 47 19.26 27.39 3.14
CA SER D 47 19.01 28.00 1.84
C SER D 47 18.74 26.91 0.81
N GLY D 48 17.69 27.09 0.02
CA GLY D 48 17.40 26.21 -1.08
C GLY D 48 16.17 25.32 -0.93
N PHE D 49 15.25 25.68 -0.04
CA PHE D 49 13.98 24.95 0.05
C PHE D 49 12.98 25.83 0.80
N THR D 50 11.72 25.45 0.69
CA THR D 50 10.68 26.04 1.52
C THR D 50 10.89 25.57 2.96
N PHE D 51 11.25 26.50 3.84
CA PHE D 51 11.79 26.12 5.15
C PHE D 51 10.73 25.52 6.06
N SER D 52 9.46 25.87 5.91
CA SER D 52 8.46 25.55 6.91
C SER D 52 7.80 24.19 6.72
N ASN D 53 8.12 23.46 5.65
CA ASN D 53 7.48 22.18 5.42
C ASN D 53 8.22 21.01 6.04
N TYR D 54 9.42 21.23 6.56
CA TYR D 54 10.34 20.15 6.88
C TYR D 54 10.66 20.11 8.36
N LYS D 55 10.70 18.90 8.90
CA LYS D 55 11.18 18.63 10.25
C LYS D 55 12.69 18.81 10.31
N MET D 56 13.21 19.16 11.49
CA MET D 56 14.61 19.46 11.67
C MET D 56 15.15 18.68 12.87
N ASN D 57 16.48 18.52 12.93
CA ASN D 57 17.09 17.70 13.98
C ASN D 57 18.42 18.34 14.41
N TRP D 58 19.03 17.76 15.46
CA TRP D 58 20.42 18.07 15.80
C TRP D 58 21.23 16.80 16.00
N VAL D 59 22.49 16.80 15.52
CA VAL D 59 23.37 15.66 15.66
C VAL D 59 24.78 16.13 16.03
N ARG D 60 25.53 15.25 16.70
CA ARG D 60 26.89 15.56 17.10
C ARG D 60 27.74 14.31 16.99
N GLN D 61 29.05 14.52 16.85
CA GLN D 61 30.02 13.44 16.60
C GLN D 61 31.16 13.54 17.62
N ALA D 62 31.09 12.73 18.66
CA ALA D 62 32.07 12.81 19.73
C ALA D 62 33.41 12.20 19.34
N PRO D 63 34.52 12.75 19.85
CA PRO D 63 35.84 12.36 19.36
C PRO D 63 36.11 10.94 19.80
N GLY D 64 35.76 9.98 18.95
CA GLY D 64 36.05 8.59 19.21
C GLY D 64 34.84 7.69 19.08
N LYS D 65 33.71 8.25 18.62
CA LYS D 65 32.48 7.48 18.55
C LYS D 65 31.77 7.69 17.22
N GLY D 66 30.53 7.21 17.12
CA GLY D 66 29.73 7.37 15.92
C GLY D 66 28.84 8.60 16.02
N LEU D 67 27.82 8.62 15.18
CA LEU D 67 26.92 9.76 15.10
C LEU D 67 25.75 9.57 16.07
N GLU D 68 25.53 10.56 16.92
CA GLU D 68 24.52 10.50 17.97
C GLU D 68 23.31 11.34 17.58
N TRP D 69 22.38 11.46 18.53
CA TRP D 69 21.15 12.21 18.34
C TRP D 69 20.85 13.01 19.61
N VAL D 70 20.42 14.26 19.44
CA VAL D 70 20.29 15.17 20.57
C VAL D 70 18.88 15.71 20.73
N SER D 71 18.38 16.46 19.75
CA SER D 71 17.13 17.18 19.93
C SER D 71 16.35 17.28 18.62
N ASP D 72 15.04 17.47 18.76
CA ASP D 72 14.10 17.38 17.66
C ASP D 72 13.08 18.50 17.79
N ILE D 73 12.45 18.84 16.66
CA ILE D 73 11.37 19.83 16.62
C ILE D 73 10.55 19.57 15.36
N SER D 74 9.30 20.02 15.38
CA SER D 74 8.34 19.69 14.34
C SER D 74 8.16 20.83 13.35
N GLN D 75 7.19 20.70 12.45
CA GLN D 75 6.99 21.68 11.39
C GLN D 75 6.56 23.02 11.94
N SER D 76 5.63 23.02 12.90
CA SER D 76 5.05 24.25 13.40
C SER D 76 5.84 24.86 14.54
N GLY D 77 6.24 24.06 15.51
CA GLY D 77 6.87 24.55 16.72
C GLY D 77 6.18 24.12 17.99
N ALA D 78 5.36 23.08 17.95
CA ALA D 78 4.57 22.65 19.10
C ALA D 78 4.79 21.19 19.47
N SER D 79 5.81 20.54 18.92
CA SER D 79 6.24 19.23 19.39
C SER D 79 7.75 19.27 19.56
N ILE D 80 8.22 18.78 20.71
CA ILE D 80 9.62 18.89 21.12
C ILE D 80 10.03 17.57 21.75
N SER D 81 11.29 17.18 21.55
CA SER D 81 11.76 15.91 22.06
C SER D 81 13.27 15.95 22.22
N TYR D 82 13.74 15.29 23.28
CA TYR D 82 15.12 15.35 23.73
C TYR D 82 15.64 13.95 23.98
N THR D 83 16.96 13.82 23.92
CA THR D 83 17.63 12.64 24.43
C THR D 83 17.77 12.75 25.95
N GLY D 84 18.13 11.63 26.57
CA GLY D 84 18.04 11.54 28.02
C GLY D 84 18.91 12.55 28.76
N SER D 85 20.11 12.78 28.27
CA SER D 85 21.11 13.45 29.08
C SER D 85 21.14 14.96 28.89
N VAL D 86 20.40 15.50 27.92
CA VAL D 86 20.32 16.94 27.73
C VAL D 86 18.93 17.47 28.09
N LYS D 87 18.20 16.76 28.97
CA LYS D 87 16.79 17.05 29.15
C LYS D 87 16.57 18.19 30.14
N GLY D 88 17.58 18.53 30.93
CA GLY D 88 17.45 19.65 31.84
C GLY D 88 18.22 20.90 31.45
N ARG D 89 18.95 20.89 30.33
CA ARG D 89 19.94 21.93 30.11
C ARG D 89 19.84 22.65 28.77
N PHE D 90 19.50 21.94 27.69
CA PHE D 90 19.51 22.53 26.35
C PHE D 90 18.09 22.77 25.85
N THR D 91 17.95 23.85 25.06
CA THR D 91 16.66 24.33 24.58
C THR D 91 16.71 24.54 23.08
N ILE D 92 15.66 24.10 22.39
CA ILE D 92 15.59 24.10 20.93
C ILE D 92 14.46 25.01 20.48
N SER D 93 14.68 25.71 19.37
CA SER D 93 13.67 26.60 18.81
C SER D 93 13.98 26.87 17.35
N ARG D 94 12.97 27.34 16.62
CA ARG D 94 13.11 27.65 15.21
C ARG D 94 12.44 28.99 14.92
N ASP D 95 12.85 29.62 13.83
CA ASP D 95 12.24 30.89 13.43
C ASP D 95 11.99 30.82 11.92
N ASN D 96 10.74 30.55 11.54
CA ASN D 96 10.42 30.37 10.13
C ASN D 96 10.62 31.63 9.31
N ALA D 97 10.57 32.81 9.93
CA ALA D 97 10.67 34.05 9.17
C ALA D 97 12.10 34.30 8.70
N LYS D 98 13.08 34.08 9.56
CA LYS D 98 14.47 34.35 9.25
C LYS D 98 15.24 33.11 8.81
N ASN D 99 14.56 31.97 8.68
CA ASN D 99 15.18 30.72 8.20
C ASN D 99 16.37 30.33 9.07
N THR D 100 16.09 30.08 10.35
CA THR D 100 17.16 29.79 11.29
C THR D 100 16.68 28.79 12.34
N LEU D 101 17.58 27.89 12.71
CA LEU D 101 17.33 26.93 13.77
C LEU D 101 18.34 27.17 14.90
N TYR D 102 17.88 27.01 16.14
CA TYR D 102 18.61 27.45 17.32
C TYR D 102 18.85 26.30 18.28
N LEU D 103 19.84 26.47 19.16
CA LEU D 103 20.04 25.59 20.30
C LEU D 103 20.84 26.35 21.35
N GLN D 104 20.33 26.36 22.57
CA GLN D 104 20.96 27.04 23.70
C GLN D 104 21.35 26.03 24.77
N MET D 105 22.54 26.20 25.33
CA MET D 105 23.11 25.32 26.34
C MET D 105 23.58 26.14 27.53
N ASN D 106 23.39 25.59 28.73
CA ASN D 106 23.48 26.37 29.96
C ASN D 106 24.60 25.98 30.89
N SER D 107 24.70 24.71 31.28
CA SER D 107 25.71 24.27 32.25
C SER D 107 26.44 23.08 31.63
N LEU D 108 27.60 23.35 31.04
CA LEU D 108 28.29 22.37 30.24
C LEU D 108 29.22 21.48 31.06
N LYS D 109 29.26 20.21 30.69
CA LYS D 109 30.16 19.21 31.21
C LYS D 109 31.18 18.83 30.15
N PRO D 110 32.35 18.31 30.54
CA PRO D 110 33.40 18.04 29.54
C PRO D 110 33.01 17.03 28.48
N GLU D 111 31.99 16.20 28.73
CA GLU D 111 31.57 15.19 27.78
C GLU D 111 30.71 15.74 26.65
N ASP D 112 30.68 17.05 26.47
CA ASP D 112 29.93 17.67 25.38
C ASP D 112 30.82 18.17 24.25
N THR D 113 32.13 18.06 24.39
CA THR D 113 33.04 18.50 23.34
C THR D 113 32.83 17.65 22.09
N ALA D 114 32.51 18.30 20.97
CA ALA D 114 32.15 17.52 19.79
C ALA D 114 32.13 18.42 18.56
N VAL D 115 31.64 17.85 17.46
CA VAL D 115 31.35 18.56 16.22
C VAL D 115 29.86 18.43 15.97
N TYR D 116 29.22 19.55 15.60
CA TYR D 116 27.77 19.68 15.59
C TYR D 116 27.18 20.02 14.24
N TYR D 117 26.24 19.19 13.77
CA TYR D 117 25.57 19.35 12.50
C TYR D 117 24.07 19.50 12.71
N CYS D 118 23.44 20.30 11.86
CA CYS D 118 21.99 20.25 11.71
C CYS D 118 21.60 19.19 10.69
N ALA D 119 20.33 18.80 10.70
CA ALA D 119 19.88 17.80 9.75
C ALA D 119 18.42 18.03 9.37
N ARG D 120 18.13 17.82 8.10
CA ARG D 120 16.80 17.92 7.51
C ARG D 120 16.19 16.50 7.44
N CYS D 121 15.03 16.40 6.81
CA CYS D 121 14.37 15.15 6.51
C CYS D 121 14.25 14.96 5.00
N PRO D 122 14.28 13.73 4.51
CA PRO D 122 14.26 13.51 3.06
C PRO D 122 12.99 14.00 2.37
N ALA D 123 11.85 14.01 3.04
CA ALA D 123 10.58 14.27 2.37
C ALA D 123 9.81 15.39 3.06
N PRO D 124 8.95 16.08 2.33
CA PRO D 124 8.03 17.04 2.94
C PRO D 124 6.70 16.41 3.32
N PHE D 125 6.07 17.01 4.34
CA PHE D 125 4.74 16.59 4.80
C PHE D 125 4.76 15.15 5.33
N THR D 126 5.63 14.90 6.31
CA THR D 126 5.73 13.56 6.87
C THR D 126 6.23 13.64 8.30
N ARG D 127 6.06 12.51 9.02
CA ARG D 127 6.44 12.40 10.41
C ARG D 127 7.56 11.40 10.65
N ASP D 128 7.81 10.49 9.71
CA ASP D 128 8.94 9.57 9.83
C ASP D 128 10.24 10.26 9.45
N CYS D 129 11.34 9.82 10.07
CA CYS D 129 12.64 10.47 9.88
C CYS D 129 13.68 9.38 9.62
N PHE D 130 13.86 9.03 8.35
CA PHE D 130 14.87 8.09 7.89
C PHE D 130 16.19 8.78 7.55
N ASP D 131 17.28 8.09 7.87
CA ASP D 131 18.61 8.36 7.32
C ASP D 131 19.11 9.75 7.71
N VAL D 132 19.20 10.01 9.01
CA VAL D 132 19.74 11.28 9.49
C VAL D 132 21.10 11.05 10.13
N THR D 133 21.32 9.84 10.63
CA THR D 133 22.54 9.51 11.37
C THR D 133 23.49 8.63 10.56
N SER D 134 23.29 8.52 9.25
CA SER D 134 24.08 7.61 8.45
C SER D 134 25.45 8.22 8.17
N THR D 135 26.34 7.37 7.65
CA THR D 135 27.71 7.80 7.35
C THR D 135 27.74 8.82 6.23
N THR D 136 26.97 8.59 5.18
CA THR D 136 26.83 9.54 4.08
C THR D 136 25.35 9.87 3.92
N TYR D 137 25.04 11.15 3.75
CA TYR D 137 23.68 11.64 3.67
C TYR D 137 23.73 13.06 3.14
N ALA D 138 22.83 13.40 2.21
CA ALA D 138 23.03 14.58 1.38
C ALA D 138 22.59 15.88 2.02
N TYR D 139 21.72 15.86 3.01
CA TYR D 139 21.12 17.09 3.54
C TYR D 139 21.62 17.26 4.98
N ARG D 140 22.79 17.85 5.12
CA ARG D 140 23.48 17.88 6.41
C ARG D 140 24.65 18.84 6.31
N GLY D 141 24.73 19.78 7.25
CA GLY D 141 25.74 20.82 7.19
C GLY D 141 27.15 20.32 7.46
N GLN D 142 28.10 21.23 7.32
CA GLN D 142 29.51 20.90 7.49
C GLN D 142 29.89 20.76 8.97
N GLY D 143 29.35 21.60 9.83
CA GLY D 143 29.46 21.41 11.27
C GLY D 143 30.31 22.48 11.93
N THR D 144 30.28 22.45 13.27
CA THR D 144 31.05 23.41 14.06
C THR D 144 31.56 22.72 15.32
N GLN D 145 32.76 23.10 15.75
CA GLN D 145 33.45 22.44 16.86
C GLN D 145 33.19 23.17 18.16
N VAL D 146 32.87 22.42 19.20
CA VAL D 146 32.60 22.95 20.53
C VAL D 146 33.54 22.26 21.52
N THR D 147 34.31 23.04 22.27
CA THR D 147 35.24 22.49 23.25
C THR D 147 34.98 23.10 24.61
N VAL D 148 34.89 22.25 25.63
CA VAL D 148 34.60 22.66 26.99
C VAL D 148 35.72 22.15 27.90
N SER D 149 36.40 23.07 28.57
CA SER D 149 37.48 22.73 29.48
C SER D 149 37.84 23.90 30.38
N GLU E 8 46.35 22.48 1.43
CA GLU E 8 45.51 21.73 2.35
C GLU E 8 44.06 21.67 1.86
N LEU E 9 43.17 21.18 2.72
CA LEU E 9 41.77 21.07 2.34
C LEU E 9 41.08 22.44 2.30
N ASP E 10 41.56 23.40 3.09
CA ASP E 10 40.96 24.73 3.11
C ASP E 10 41.08 25.41 1.76
N GLN E 11 42.27 25.35 1.15
CA GLN E 11 42.48 25.96 -0.16
C GLN E 11 41.62 25.29 -1.22
N LEU E 12 41.52 23.96 -1.17
CA LEU E 12 40.70 23.24 -2.14
C LEU E 12 39.23 23.60 -2.00
N ARG E 13 38.74 23.71 -0.76
CA ARG E 13 37.34 24.09 -0.55
C ARG E 13 37.08 25.53 -0.99
N GLN E 14 38.03 26.44 -0.74
CA GLN E 14 37.87 27.81 -1.21
C GLN E 14 37.83 27.86 -2.73
N GLU E 15 38.70 27.09 -3.39
CA GLU E 15 38.68 27.03 -4.85
C GLU E 15 37.36 26.47 -5.36
N ALA E 16 36.83 25.46 -4.68
CA ALA E 16 35.54 24.89 -5.07
C ALA E 16 34.42 25.91 -4.93
N GLU E 17 34.43 26.68 -3.84
CA GLU E 17 33.42 27.72 -3.68
C GLU E 17 33.53 28.79 -4.76
N GLN E 18 34.75 29.18 -5.11
CA GLN E 18 34.95 30.14 -6.19
C GLN E 18 34.45 29.58 -7.52
N LEU E 19 34.72 28.31 -7.79
CA LEU E 19 34.26 27.69 -9.02
C LEU E 19 32.74 27.68 -9.09
N LYS E 20 32.08 27.33 -7.98
CA LYS E 20 30.62 27.34 -7.95
C LYS E 20 30.06 28.75 -8.15
N ASN E 21 30.70 29.76 -7.54
CA ASN E 21 30.24 31.14 -7.73
C ASN E 21 30.38 31.58 -9.19
N GLN E 22 31.51 31.24 -9.82
CA GLN E 22 31.69 31.57 -11.22
C GLN E 22 30.66 30.85 -12.09
N ILE E 23 30.33 29.60 -11.75
CA ILE E 23 29.34 28.86 -12.52
C ILE E 23 27.97 29.52 -12.41
N ARG E 24 27.59 29.93 -11.21
CA ARG E 24 26.31 30.62 -11.05
C ARG E 24 26.30 31.94 -11.83
N ASP E 25 27.39 32.70 -11.75
CA ASP E 25 27.45 33.98 -12.46
C ASP E 25 27.37 33.78 -13.96
N ALA E 26 27.98 32.72 -14.49
CA ALA E 26 27.91 32.45 -15.92
C ALA E 26 26.55 31.89 -16.31
N ARG E 27 25.82 31.29 -15.36
CA ARG E 27 24.49 30.78 -15.68
C ARG E 27 23.41 31.86 -15.59
N LYS E 28 23.65 32.94 -14.85
CA LYS E 28 22.64 34.00 -14.79
C LYS E 28 22.56 34.79 -16.09
N ALA E 29 23.70 35.10 -16.69
CA ALA E 29 23.73 36.00 -17.85
C ALA E 29 23.36 35.30 -19.15
N CYS E 30 23.02 34.03 -19.12
CA CYS E 30 22.57 33.32 -20.31
C CYS E 30 21.07 33.27 -20.45
N ALA E 31 20.33 33.86 -19.51
CA ALA E 31 18.87 33.78 -19.50
C ALA E 31 18.31 35.18 -19.74
N ASP E 32 18.02 35.47 -21.00
CA ASP E 32 17.44 36.76 -21.37
C ASP E 32 15.93 36.72 -21.51
N ALA E 33 15.32 35.54 -21.43
CA ALA E 33 13.87 35.42 -21.62
C ALA E 33 13.36 34.24 -20.82
N THR E 34 12.05 34.24 -20.57
CA THR E 34 11.38 33.16 -19.88
C THR E 34 10.44 32.46 -20.83
N LEU E 35 10.41 31.12 -20.76
CA LEU E 35 9.64 30.33 -21.72
C LEU E 35 8.17 30.70 -21.70
N SER E 36 7.62 31.00 -20.53
CA SER E 36 6.20 31.32 -20.43
C SER E 36 5.82 32.64 -21.09
N GLN E 37 6.81 33.47 -21.44
CA GLN E 37 6.54 34.71 -22.18
C GLN E 37 6.58 34.51 -23.68
N ILE E 38 7.55 33.74 -24.19
CA ILE E 38 7.58 33.42 -25.61
C ILE E 38 6.37 32.56 -25.99
N THR E 39 5.97 31.66 -25.08
CA THR E 39 4.84 30.77 -25.35
C THR E 39 3.51 31.33 -24.88
N ASN E 40 3.37 32.67 -24.85
CA ASN E 40 2.12 33.27 -24.40
C ASN E 40 1.02 33.18 -25.45
N ASN E 41 1.38 33.13 -26.73
CA ASN E 41 0.42 33.17 -27.82
C ASN E 41 0.12 31.78 -28.39
N ILE E 42 0.61 30.71 -27.76
CA ILE E 42 0.37 29.37 -28.27
C ILE E 42 -1.06 28.95 -27.95
N ASP E 43 -1.70 28.28 -28.90
CA ASP E 43 -3.08 27.83 -28.72
C ASP E 43 -3.12 26.66 -27.74
N PRO E 44 -3.97 26.71 -26.72
CA PRO E 44 -4.11 25.55 -25.83
C PRO E 44 -4.64 24.35 -26.59
N VAL E 45 -4.21 23.15 -26.17
CA VAL E 45 -4.52 21.94 -26.90
C VAL E 45 -5.96 21.51 -26.73
N GLY E 46 -6.67 22.06 -25.76
CA GLY E 46 -8.04 21.68 -25.50
C GLY E 46 -8.16 20.79 -24.28
N ARG E 47 -9.25 20.03 -24.26
CA ARG E 47 -9.49 19.04 -23.21
C ARG E 47 -9.30 17.65 -23.80
N ILE E 48 -8.53 16.82 -23.11
CA ILE E 48 -8.14 15.50 -23.61
C ILE E 48 -8.83 14.46 -22.76
N GLN E 49 -9.68 13.67 -23.39
CA GLN E 49 -10.42 12.60 -22.72
C GLN E 49 -10.02 11.26 -23.33
N MET E 50 -9.70 10.30 -22.48
CA MET E 50 -9.24 9.00 -22.92
C MET E 50 -10.01 7.94 -22.15
N ARG E 51 -10.12 6.76 -22.73
CA ARG E 51 -10.92 5.70 -22.15
C ARG E 51 -10.30 4.36 -22.47
N THR E 52 -10.46 3.42 -21.53
CA THR E 52 -9.81 2.13 -21.66
C THR E 52 -10.34 1.36 -22.85
N ARG E 53 -9.47 0.58 -23.48
CA ARG E 53 -9.84 -0.32 -24.56
C ARG E 53 -9.58 -1.79 -24.23
N ARG E 54 -8.52 -2.07 -23.48
CA ARG E 54 -8.21 -3.41 -23.01
C ARG E 54 -7.85 -3.35 -21.54
N THR E 55 -8.25 -4.39 -20.80
CA THR E 55 -7.77 -4.62 -19.45
C THR E 55 -7.11 -5.99 -19.43
N LEU E 56 -5.87 -6.05 -18.96
CA LEU E 56 -5.07 -7.25 -18.99
C LEU E 56 -4.95 -7.80 -17.57
N ARG E 57 -5.44 -9.02 -17.36
CA ARG E 57 -5.45 -9.67 -16.07
C ARG E 57 -4.52 -10.88 -16.06
N GLY E 58 -4.11 -11.30 -14.88
CA GLY E 58 -3.24 -12.45 -14.78
C GLY E 58 -2.18 -12.44 -13.69
N HIS E 59 -1.90 -11.28 -13.10
CA HIS E 59 -0.89 -11.18 -12.06
C HIS E 59 -1.52 -11.30 -10.67
N LEU E 60 -0.70 -11.73 -9.71
CA LEU E 60 -1.19 -11.98 -8.35
C LEU E 60 -0.70 -10.98 -7.32
N ALA E 61 0.16 -10.04 -7.70
CA ALA E 61 0.73 -9.09 -6.75
C ALA E 61 0.96 -7.78 -7.47
N LYS E 62 1.77 -6.91 -6.88
CA LYS E 62 2.09 -5.63 -7.50
C LYS E 62 2.74 -5.85 -8.85
N ILE E 63 2.57 -4.87 -9.73
CA ILE E 63 3.25 -4.83 -11.02
C ILE E 63 4.21 -3.65 -10.95
N TYR E 64 5.49 -3.90 -11.18
CA TYR E 64 6.46 -2.90 -10.79
C TYR E 64 7.25 -2.33 -11.95
N ALA E 65 7.16 -2.93 -13.15
CA ALA E 65 7.77 -2.37 -14.34
C ALA E 65 7.10 -2.95 -15.57
N MET E 66 7.33 -2.29 -16.71
CA MET E 66 6.82 -2.76 -18.00
C MET E 66 7.63 -2.09 -19.11
N HIS E 67 7.54 -2.67 -20.31
CA HIS E 67 8.28 -2.16 -21.44
C HIS E 67 7.61 -2.64 -22.73
N TRP E 68 7.73 -1.84 -23.79
CA TRP E 68 7.19 -2.17 -25.10
C TRP E 68 8.27 -2.79 -25.98
N GLY E 69 7.86 -3.19 -27.18
CA GLY E 69 8.76 -3.74 -28.17
C GLY E 69 8.78 -2.89 -29.42
N THR E 70 9.77 -3.08 -30.28
CA THR E 70 9.91 -2.19 -31.43
C THR E 70 8.69 -2.35 -32.33
N ASP E 71 8.29 -3.58 -32.61
CA ASP E 71 6.94 -3.79 -33.13
C ASP E 71 5.97 -3.31 -32.07
N SER E 72 5.03 -2.48 -32.46
CA SER E 72 4.22 -1.86 -31.41
C SER E 72 3.09 -2.73 -30.94
N ARG E 73 3.18 -4.04 -31.15
CA ARG E 73 2.10 -4.97 -30.81
C ARG E 73 2.39 -5.78 -29.55
N LEU E 74 3.65 -6.02 -29.21
CA LEU E 74 4.01 -6.91 -28.11
C LEU E 74 4.44 -6.14 -26.87
N LEU E 75 4.15 -6.69 -25.69
CA LEU E 75 4.47 -6.08 -24.41
C LEU E 75 5.20 -7.06 -23.49
N VAL E 76 5.75 -6.53 -22.40
CA VAL E 76 6.40 -7.34 -21.38
C VAL E 76 6.10 -6.70 -20.02
N SER E 77 5.84 -7.54 -19.02
CA SER E 77 5.44 -7.05 -17.72
C SER E 77 6.07 -7.89 -16.61
N ALA E 78 6.37 -7.22 -15.49
CA ALA E 78 7.10 -7.79 -14.37
C ALA E 78 6.40 -7.51 -13.06
N SER E 79 6.31 -8.53 -12.20
CA SER E 79 5.56 -8.47 -10.97
C SER E 79 6.42 -9.01 -9.84
N GLN E 80 5.88 -8.93 -8.62
CA GLN E 80 6.62 -9.35 -7.43
C GLN E 80 6.18 -10.69 -6.85
N ASP E 81 5.59 -11.52 -7.70
CA ASP E 81 5.31 -12.90 -7.33
C ASP E 81 6.27 -13.86 -8.02
N GLY E 82 7.12 -13.37 -8.91
CA GLY E 82 8.06 -14.19 -9.62
C GLY E 82 7.67 -14.53 -11.04
N LYS E 83 7.12 -13.59 -11.80
CA LYS E 83 6.62 -13.87 -13.13
C LYS E 83 7.04 -12.78 -14.11
N LEU E 84 7.21 -13.20 -15.36
CA LEU E 84 7.53 -12.26 -16.44
C LEU E 84 6.66 -12.65 -17.62
N ILE E 85 5.74 -11.78 -18.03
CA ILE E 85 4.71 -12.15 -19.00
C ILE E 85 4.84 -11.31 -20.26
N ILE E 86 4.69 -11.96 -21.41
CA ILE E 86 4.74 -11.32 -22.72
C ILE E 86 3.34 -11.34 -23.31
N TRP E 87 2.83 -10.16 -23.67
CA TRP E 87 1.44 -9.99 -24.09
C TRP E 87 1.37 -9.58 -25.55
N ASP E 88 0.28 -9.99 -26.21
CA ASP E 88 -0.15 -9.42 -27.47
C ASP E 88 -1.36 -8.55 -27.16
N SER E 89 -1.22 -7.24 -27.35
CA SER E 89 -2.22 -6.29 -26.88
C SER E 89 -3.39 -6.13 -27.84
N TYR E 90 -3.26 -6.60 -29.09
CA TYR E 90 -4.38 -6.50 -30.02
C TYR E 90 -5.53 -7.39 -29.61
N THR E 91 -5.24 -8.66 -29.30
CA THR E 91 -6.27 -9.64 -29.00
C THR E 91 -6.27 -10.10 -27.56
N THR E 92 -5.32 -9.65 -26.74
CA THR E 92 -5.23 -9.97 -25.31
C THR E 92 -4.90 -11.45 -25.09
N ASN E 93 -3.94 -11.93 -25.88
CA ASN E 93 -3.43 -13.28 -25.73
C ASN E 93 -2.24 -13.29 -24.79
N LYS E 94 -1.71 -14.49 -24.54
CA LYS E 94 -0.49 -14.67 -23.76
C LYS E 94 0.47 -15.51 -24.59
N VAL E 95 1.66 -14.99 -24.84
CA VAL E 95 2.65 -15.65 -25.68
C VAL E 95 3.68 -16.41 -24.86
N HIS E 96 4.21 -15.79 -23.80
CA HIS E 96 5.21 -16.43 -22.94
C HIS E 96 4.96 -16.04 -21.50
N ALA E 97 5.14 -17.01 -20.61
CA ALA E 97 5.19 -16.75 -19.17
C ALA E 97 6.44 -17.40 -18.63
N ILE E 98 7.34 -16.59 -18.07
CA ILE E 98 8.67 -17.03 -17.65
C ILE E 98 8.74 -16.91 -16.13
N PRO E 99 9.05 -17.98 -15.41
CA PRO E 99 9.33 -17.85 -13.98
C PRO E 99 10.76 -17.43 -13.72
N LEU E 100 10.95 -16.71 -12.62
CA LEU E 100 12.26 -16.23 -12.21
C LEU E 100 12.75 -17.04 -11.02
N ARG E 101 13.94 -16.68 -10.54
CA ARG E 101 14.53 -17.37 -9.40
C ARG E 101 14.44 -16.55 -8.10
N SER E 102 14.39 -15.23 -8.20
CA SER E 102 14.17 -14.37 -7.05
C SER E 102 12.87 -13.60 -7.26
N SER E 103 12.02 -13.59 -6.23
CA SER E 103 10.71 -12.94 -6.36
C SER E 103 10.85 -11.44 -6.58
N TRP E 104 11.82 -10.80 -5.94
CA TRP E 104 11.92 -9.34 -5.92
C TRP E 104 12.61 -8.86 -7.18
N VAL E 105 11.82 -8.35 -8.10
CA VAL E 105 12.29 -7.87 -9.39
C VAL E 105 11.88 -6.42 -9.53
N MET E 106 12.73 -5.63 -10.20
CA MET E 106 12.53 -4.20 -10.25
C MET E 106 12.72 -3.57 -11.62
N THR E 107 13.05 -4.34 -12.66
CA THR E 107 13.24 -3.76 -13.99
C THR E 107 13.07 -4.84 -15.04
N CYS E 108 12.86 -4.41 -16.28
CA CYS E 108 12.64 -5.32 -17.40
C CYS E 108 12.90 -4.57 -18.70
N ALA E 109 13.09 -5.32 -19.79
CA ALA E 109 13.33 -4.71 -21.09
C ALA E 109 13.36 -5.70 -22.26
N TYR E 110 12.83 -5.27 -23.39
CA TYR E 110 13.14 -5.89 -24.68
C TYR E 110 14.41 -5.33 -25.30
N ALA E 111 14.98 -6.12 -26.19
CA ALA E 111 16.00 -5.68 -27.12
C ALA E 111 15.36 -5.35 -28.46
N PRO E 112 15.89 -4.35 -29.17
CA PRO E 112 15.26 -3.93 -30.43
C PRO E 112 15.20 -5.03 -31.48
N SER E 113 15.94 -6.11 -31.31
CA SER E 113 15.92 -7.21 -32.27
C SER E 113 14.81 -8.22 -32.01
N GLY E 114 14.06 -8.06 -30.92
CA GLY E 114 13.00 -8.98 -30.62
C GLY E 114 13.44 -10.40 -30.33
N ASN E 115 14.63 -10.57 -29.75
CA ASN E 115 15.17 -11.88 -29.47
C ASN E 115 15.47 -12.14 -28.00
N TYR E 116 15.73 -11.11 -27.21
CA TYR E 116 16.13 -11.27 -25.82
C TYR E 116 15.24 -10.44 -24.91
N VAL E 117 15.18 -10.84 -23.65
CA VAL E 117 14.70 -9.97 -22.57
C VAL E 117 15.71 -10.00 -21.43
N ALA E 118 15.56 -9.07 -20.49
CA ALA E 118 16.46 -8.99 -19.34
C ALA E 118 15.68 -8.52 -18.13
N CYS E 119 16.22 -8.81 -16.95
CA CYS E 119 15.61 -8.34 -15.71
C CYS E 119 16.66 -8.26 -14.61
N GLY E 120 16.28 -7.65 -13.49
CA GLY E 120 17.12 -7.52 -12.32
C GLY E 120 16.28 -7.14 -11.13
N GLY E 121 16.92 -7.03 -9.97
CA GLY E 121 16.19 -6.71 -8.76
C GLY E 121 17.01 -6.49 -7.50
N LEU E 122 16.50 -6.95 -6.36
CA LEU E 122 17.20 -6.76 -5.08
C LEU E 122 18.51 -7.54 -5.04
N ASP E 123 18.46 -8.83 -5.35
CA ASP E 123 19.69 -9.58 -5.58
C ASP E 123 20.40 -8.89 -6.73
N ASN E 124 21.71 -8.70 -6.60
CA ASN E 124 22.40 -7.70 -7.42
C ASN E 124 22.90 -8.31 -8.74
N ILE E 125 21.98 -8.95 -9.46
CA ILE E 125 22.32 -9.67 -10.69
C ILE E 125 21.40 -9.21 -11.81
N CYS E 126 21.91 -9.26 -13.03
CA CYS E 126 21.10 -9.03 -14.23
C CYS E 126 21.02 -10.31 -15.04
N SER E 127 19.81 -10.77 -15.32
CA SER E 127 19.57 -12.02 -16.01
C SER E 127 19.05 -11.77 -17.43
N ILE E 128 19.54 -12.57 -18.38
CA ILE E 128 19.22 -12.39 -19.79
C ILE E 128 18.62 -13.67 -20.34
N TYR E 129 17.48 -13.55 -21.03
CA TYR E 129 16.68 -14.68 -21.50
C TYR E 129 16.56 -14.65 -23.01
N ASN E 130 16.74 -15.82 -23.62
CA ASN E 130 16.65 -16.02 -25.07
C ASN E 130 15.25 -16.49 -25.43
N LEU E 131 14.68 -15.90 -26.48
CA LEU E 131 13.32 -16.16 -26.89
C LEU E 131 13.19 -17.09 -28.08
N LYS E 132 14.27 -17.37 -28.79
CA LYS E 132 14.18 -18.06 -30.08
C LYS E 132 14.93 -19.38 -30.10
N THR E 133 14.77 -20.19 -29.06
CA THR E 133 15.42 -21.51 -29.06
C THR E 133 14.69 -22.46 -30.00
N ARG E 134 15.38 -23.56 -30.33
CA ARG E 134 14.78 -24.57 -31.19
C ARG E 134 13.55 -25.19 -30.53
N GLU E 135 13.67 -25.57 -29.28
CA GLU E 135 12.54 -26.12 -28.54
C GLU E 135 11.57 -24.99 -28.17
N GLY E 136 10.50 -25.37 -27.47
CA GLY E 136 9.50 -24.42 -27.01
C GLY E 136 9.74 -23.84 -25.64
N ASN E 137 10.88 -24.11 -25.03
CA ASN E 137 11.17 -23.67 -23.67
C ASN E 137 12.22 -22.56 -23.69
N VAL E 138 11.99 -21.51 -22.90
CA VAL E 138 12.94 -20.42 -22.77
C VAL E 138 13.85 -20.69 -21.57
N ARG E 139 15.15 -20.52 -21.80
CA ARG E 139 16.15 -20.75 -20.76
C ARG E 139 16.96 -19.48 -20.54
N VAL E 140 17.81 -19.52 -19.51
CA VAL E 140 18.65 -18.38 -19.17
C VAL E 140 19.94 -18.46 -19.97
N SER E 141 20.29 -17.36 -20.64
CA SER E 141 21.48 -17.30 -21.48
C SER E 141 22.70 -16.75 -20.74
N ARG E 142 22.52 -15.80 -19.83
CA ARG E 142 23.66 -15.20 -19.15
C ARG E 142 23.21 -14.51 -17.88
N GLU E 143 24.09 -14.53 -16.87
CA GLU E 143 23.91 -13.84 -15.61
C GLU E 143 25.08 -12.92 -15.36
N LEU E 144 24.81 -11.66 -15.09
CA LEU E 144 25.83 -10.63 -14.91
C LEU E 144 25.86 -10.23 -13.44
N ALA E 145 27.02 -10.38 -12.80
CA ALA E 145 27.22 -10.16 -11.38
C ALA E 145 28.43 -9.25 -11.23
N GLY E 146 28.46 -8.48 -10.14
CA GLY E 146 29.57 -7.58 -9.90
C GLY E 146 29.19 -6.21 -9.39
N HIS E 147 27.90 -5.94 -9.25
CA HIS E 147 27.46 -4.76 -8.53
C HIS E 147 27.54 -5.01 -7.03
N THR E 148 27.27 -3.97 -6.24
CA THR E 148 27.24 -4.10 -4.79
C THR E 148 25.99 -3.44 -4.21
N GLY E 149 24.91 -3.43 -4.99
CA GLY E 149 23.66 -2.86 -4.53
C GLY E 149 22.57 -3.12 -5.53
N TYR E 150 21.33 -3.04 -5.06
CA TYR E 150 20.18 -3.43 -5.86
C TYR E 150 20.14 -2.66 -7.17
N LEU E 151 19.81 -3.35 -8.26
CA LEU E 151 19.67 -2.71 -9.55
C LEU E 151 18.31 -2.05 -9.68
N SER E 152 18.28 -0.96 -10.44
CA SER E 152 17.07 -0.17 -10.62
C SER E 152 16.58 -0.11 -12.05
N CYS E 153 17.47 -0.03 -13.04
CA CYS E 153 17.03 0.08 -14.42
C CYS E 153 18.09 -0.53 -15.34
N CYS E 154 17.64 -0.99 -16.50
CA CYS E 154 18.52 -1.58 -17.50
C CYS E 154 17.91 -1.41 -18.88
N ARG E 155 18.76 -1.13 -19.87
CA ARG E 155 18.34 -0.87 -21.24
C ARG E 155 19.35 -1.46 -22.22
N PHE E 156 18.85 -2.17 -23.22
CA PHE E 156 19.68 -2.79 -24.23
C PHE E 156 20.20 -1.75 -25.22
N LEU E 157 21.38 -2.01 -25.77
CA LEU E 157 21.97 -1.20 -26.83
C LEU E 157 22.03 -1.96 -28.14
N ASP E 158 22.70 -3.12 -28.13
CA ASP E 158 22.68 -4.10 -29.21
C ASP E 158 22.34 -5.43 -28.57
N ASP E 159 22.49 -6.53 -29.30
CA ASP E 159 22.34 -7.83 -28.69
C ASP E 159 23.52 -8.23 -27.83
N ASN E 160 24.60 -7.43 -27.83
CA ASN E 160 25.82 -7.77 -27.11
C ASN E 160 26.27 -6.70 -26.13
N GLN E 161 25.48 -5.66 -25.88
CA GLN E 161 25.87 -4.57 -24.98
C GLN E 161 24.67 -4.12 -24.16
N ILE E 162 24.86 -4.01 -22.83
CA ILE E 162 23.80 -3.57 -21.93
C ILE E 162 24.35 -2.54 -20.94
N VAL E 163 23.47 -1.69 -20.41
CA VAL E 163 23.84 -0.63 -19.47
C VAL E 163 22.98 -0.77 -18.22
N THR E 164 23.62 -0.75 -17.05
CA THR E 164 22.93 -1.00 -15.78
C THR E 164 23.20 0.11 -14.77
N SER E 165 22.24 0.26 -13.85
CA SER E 165 22.32 1.21 -12.75
C SER E 165 21.94 0.54 -11.44
N SER E 166 22.68 0.88 -10.39
CA SER E 166 22.57 0.18 -9.12
C SER E 166 22.48 1.19 -7.98
N GLY E 167 22.10 0.68 -6.81
CA GLY E 167 22.03 1.44 -5.59
C GLY E 167 23.34 1.64 -4.86
N ASP E 168 24.47 1.24 -5.43
CA ASP E 168 25.78 1.50 -4.86
C ASP E 168 26.44 2.75 -5.46
N THR E 169 25.65 3.63 -6.07
CA THR E 169 26.07 4.93 -6.60
C THR E 169 26.88 4.83 -7.89
N THR E 170 26.75 3.76 -8.67
CA THR E 170 27.57 3.56 -9.86
C THR E 170 26.72 3.10 -11.03
N CYS E 171 27.20 3.38 -12.24
CA CYS E 171 26.62 2.86 -13.47
C CYS E 171 27.65 1.99 -14.18
N ALA E 172 27.18 1.01 -14.94
CA ALA E 172 28.10 0.07 -15.58
C ALA E 172 27.67 -0.21 -17.01
N LEU E 173 28.67 -0.52 -17.86
CA LEU E 173 28.43 -1.03 -19.20
C LEU E 173 28.96 -2.45 -19.30
N TRP E 174 28.13 -3.37 -19.80
CA TRP E 174 28.43 -4.79 -19.82
C TRP E 174 28.44 -5.33 -21.25
N ASP E 175 29.42 -6.18 -21.50
CA ASP E 175 29.53 -6.98 -22.72
C ASP E 175 29.08 -8.40 -22.37
N ILE E 176 28.18 -8.96 -23.18
CA ILE E 176 27.40 -10.10 -22.72
C ILE E 176 28.13 -11.40 -22.95
N GLU E 177 28.68 -11.60 -24.16
CA GLU E 177 29.34 -12.86 -24.48
C GLU E 177 30.54 -13.12 -23.57
N THR E 178 31.39 -12.12 -23.41
CA THR E 178 32.52 -12.25 -22.48
C THR E 178 32.04 -12.31 -21.04
N GLY E 179 31.19 -11.37 -20.64
CA GLY E 179 30.61 -11.38 -19.32
C GLY E 179 31.26 -10.50 -18.28
N GLN E 180 31.82 -9.35 -18.69
CA GLN E 180 32.56 -8.48 -17.78
C GLN E 180 32.36 -7.03 -18.18
N GLN E 181 32.62 -6.13 -17.24
CA GLN E 181 32.47 -4.70 -17.50
C GLN E 181 33.56 -4.20 -18.44
N THR E 182 33.19 -3.18 -19.23
CA THR E 182 34.15 -2.43 -20.02
C THR E 182 34.29 -0.99 -19.56
N THR E 183 33.29 -0.44 -18.86
CA THR E 183 33.38 0.92 -18.34
C THR E 183 32.48 1.05 -17.13
N THR E 184 33.02 1.71 -16.09
CA THR E 184 32.27 2.05 -14.87
C THR E 184 32.21 3.55 -14.72
N PHE E 185 31.01 4.07 -14.47
CA PHE E 185 30.75 5.50 -14.31
C PHE E 185 30.48 5.78 -12.84
N THR E 186 31.36 6.60 -12.23
CA THR E 186 31.30 6.98 -10.83
C THR E 186 31.19 8.49 -10.70
N GLY E 187 30.61 8.96 -9.60
CA GLY E 187 30.40 10.38 -9.43
C GLY E 187 29.17 10.82 -8.68
N HIS E 188 28.19 9.94 -8.48
CA HIS E 188 27.04 10.31 -7.69
C HIS E 188 27.34 10.15 -6.20
N THR E 189 26.55 10.82 -5.37
CA THR E 189 26.67 10.73 -3.92
C THR E 189 25.60 9.85 -3.30
N GLY E 190 24.44 9.73 -3.95
CA GLY E 190 23.38 8.84 -3.51
C GLY E 190 23.09 7.74 -4.50
N ASP E 191 21.96 7.08 -4.30
CA ASP E 191 21.52 6.02 -5.19
C ASP E 191 21.08 6.61 -6.53
N VAL E 192 21.19 5.81 -7.58
CA VAL E 192 20.70 6.17 -8.90
C VAL E 192 19.36 5.48 -9.11
N MET E 193 18.44 6.15 -9.81
CA MET E 193 17.06 5.65 -9.91
C MET E 193 16.57 5.39 -11.33
N SER E 194 16.99 6.16 -12.32
CA SER E 194 16.41 6.01 -13.65
C SER E 194 17.39 6.45 -14.73
N LEU E 195 17.14 5.98 -15.95
CA LEU E 195 18.02 6.17 -17.10
C LEU E 195 17.20 6.37 -18.35
N SER E 196 17.86 6.87 -19.40
CA SER E 196 17.22 7.02 -20.70
C SER E 196 18.31 7.16 -21.75
N LEU E 197 18.36 6.24 -22.71
CA LEU E 197 19.38 6.29 -23.75
C LEU E 197 18.95 7.21 -24.88
N ALA E 198 19.93 7.72 -25.60
CA ALA E 198 19.67 8.69 -26.64
C ALA E 198 19.08 8.02 -27.87
N PRO E 199 18.40 8.78 -28.73
CA PRO E 199 17.91 8.20 -29.99
C PRO E 199 19.01 7.63 -30.86
N ASP E 200 20.20 8.23 -30.88
CA ASP E 200 21.32 7.72 -31.65
C ASP E 200 22.25 6.83 -30.84
N THR E 201 21.99 6.68 -29.53
CA THR E 201 22.77 5.83 -28.64
C THR E 201 24.27 6.18 -28.54
N ARG E 202 24.52 7.44 -28.21
CA ARG E 202 25.88 7.89 -27.94
C ARG E 202 26.06 8.58 -26.59
N LEU E 203 25.00 9.13 -26.01
CA LEU E 203 25.03 9.68 -24.66
C LEU E 203 23.82 9.18 -23.89
N PHE E 204 23.84 9.35 -22.57
CA PHE E 204 22.66 9.05 -21.77
C PHE E 204 22.72 9.80 -20.44
N VAL E 205 21.55 9.86 -19.79
CA VAL E 205 21.31 10.68 -18.60
C VAL E 205 20.91 9.78 -17.45
N SER E 206 21.20 10.26 -16.24
CA SER E 206 20.90 9.52 -15.02
C SER E 206 20.54 10.51 -13.92
N GLY E 207 19.57 10.13 -13.09
CA GLY E 207 19.17 10.93 -11.95
C GLY E 207 19.26 10.11 -10.68
N ALA E 208 19.47 10.79 -9.57
CA ALA E 208 19.89 10.15 -8.33
C ALA E 208 18.92 10.47 -7.19
N CYS E 209 19.18 9.88 -6.04
CA CYS E 209 18.40 10.19 -4.85
C CYS E 209 18.89 11.44 -4.14
N ASP E 210 19.76 12.20 -4.80
CA ASP E 210 19.99 13.57 -4.43
C ASP E 210 19.22 14.43 -5.44
N ALA E 211 19.30 15.73 -5.30
CA ALA E 211 18.68 16.62 -6.28
C ALA E 211 19.75 16.90 -7.34
N SER E 212 20.07 15.87 -8.11
CA SER E 212 21.11 15.99 -9.11
C SER E 212 20.80 15.09 -10.30
N ALA E 213 21.31 15.49 -11.47
CA ALA E 213 21.25 14.67 -12.66
C ALA E 213 22.50 14.92 -13.48
N LYS E 214 22.89 13.96 -14.31
CA LYS E 214 24.14 14.07 -15.05
C LYS E 214 23.98 13.59 -16.49
N LEU E 215 24.98 13.89 -17.31
CA LEU E 215 25.05 13.38 -18.67
C LEU E 215 26.40 12.72 -18.90
N TRP E 216 26.43 11.62 -19.66
CA TRP E 216 27.65 10.83 -19.79
C TRP E 216 28.05 10.64 -21.25
N ASP E 217 29.12 9.86 -21.42
CA ASP E 217 29.70 9.53 -22.72
C ASP E 217 30.13 8.07 -22.71
N VAL E 218 29.43 7.24 -23.48
CA VAL E 218 29.58 5.79 -23.37
C VAL E 218 30.98 5.36 -23.79
N ARG E 219 31.56 6.01 -24.80
CA ARG E 219 32.87 5.59 -25.30
C ARG E 219 33.97 6.05 -24.35
N GLU E 220 34.08 7.36 -24.13
CA GLU E 220 35.16 7.87 -23.27
C GLU E 220 35.00 7.39 -21.83
N GLY E 221 33.82 7.58 -21.24
CA GLY E 221 33.58 7.09 -19.90
C GLY E 221 33.68 8.14 -18.81
N MET E 222 33.10 9.33 -19.06
CA MET E 222 33.29 10.45 -18.16
C MET E 222 32.02 11.29 -18.12
N CYS E 223 31.88 12.07 -17.04
CA CYS E 223 30.79 13.00 -16.90
C CYS E 223 31.05 14.27 -17.68
N ARG E 224 29.99 14.92 -18.12
CA ARG E 224 30.16 16.15 -18.89
C ARG E 224 29.38 17.33 -18.31
N GLN E 225 28.15 17.11 -17.85
CA GLN E 225 27.33 18.19 -17.31
C GLN E 225 26.48 17.66 -16.17
N THR E 226 26.27 18.52 -15.17
CA THR E 226 25.49 18.24 -13.98
C THR E 226 24.43 19.30 -13.78
N PHE E 227 23.21 18.86 -13.47
CA PHE E 227 22.06 19.74 -13.30
C PHE E 227 21.46 19.57 -11.90
N THR E 228 21.09 20.70 -11.30
CA THR E 228 20.47 20.72 -9.98
C THR E 228 19.22 21.60 -10.05
N GLY E 229 18.50 21.68 -8.93
CA GLY E 229 17.30 22.48 -8.89
C GLY E 229 16.17 21.89 -8.07
N HIS E 230 16.14 20.57 -7.91
CA HIS E 230 15.09 19.96 -7.11
C HIS E 230 15.42 20.06 -5.62
N GLU E 231 14.51 19.55 -4.79
CA GLU E 231 14.67 19.60 -3.34
C GLU E 231 14.76 18.24 -2.68
N SER E 232 14.35 17.18 -3.35
CA SER E 232 14.39 15.84 -2.77
C SER E 232 14.73 14.86 -3.89
N ASP E 233 14.49 13.58 -3.63
CA ASP E 233 14.91 12.52 -4.54
C ASP E 233 14.27 12.67 -5.91
N ILE E 234 14.98 12.18 -6.93
CA ILE E 234 14.53 12.22 -8.32
C ILE E 234 14.11 10.82 -8.73
N ASN E 235 12.86 10.66 -9.17
CA ASN E 235 12.26 9.34 -9.32
C ASN E 235 12.20 8.82 -10.76
N ALA E 236 12.05 9.68 -11.76
CA ALA E 236 11.97 9.23 -13.14
C ALA E 236 12.63 10.26 -14.04
N ILE E 237 13.01 9.81 -15.24
CA ILE E 237 13.71 10.65 -16.20
C ILE E 237 13.50 10.06 -17.59
N CYS E 238 13.50 10.92 -18.61
CA CYS E 238 13.32 10.49 -19.99
C CYS E 238 13.84 11.56 -20.93
N PHE E 239 13.98 11.19 -22.21
CA PHE E 239 14.49 12.09 -23.24
C PHE E 239 13.37 12.65 -24.12
N PHE E 240 13.52 13.92 -24.47
CA PHE E 240 12.75 14.54 -25.53
C PHE E 240 13.17 13.95 -26.87
N PRO E 241 12.27 13.92 -27.87
CA PRO E 241 12.58 13.19 -29.11
C PRO E 241 13.87 13.59 -29.82
N ASN E 242 14.25 14.86 -29.83
CA ASN E 242 15.42 15.25 -30.60
C ASN E 242 16.73 15.03 -29.85
N GLY E 243 16.68 14.61 -28.59
CA GLY E 243 17.87 14.45 -27.79
C GLY E 243 18.46 15.72 -27.23
N ASN E 244 17.68 16.81 -27.19
CA ASN E 244 18.16 18.10 -26.72
C ASN E 244 17.38 18.60 -25.51
N ALA E 245 16.72 17.71 -24.77
CA ALA E 245 15.99 18.08 -23.56
C ALA E 245 15.72 16.82 -22.76
N PHE E 246 15.33 17.02 -21.51
CA PHE E 246 14.86 15.90 -20.70
C PHE E 246 14.04 16.41 -19.53
N ALA E 247 13.02 15.64 -19.16
CA ALA E 247 12.07 16.04 -18.14
C ALA E 247 12.13 15.10 -16.95
N THR E 248 12.05 15.66 -15.75
CA THR E 248 12.28 14.90 -14.53
C THR E 248 11.16 15.17 -13.53
N GLY E 249 10.96 14.21 -12.64
CA GLY E 249 9.97 14.33 -11.60
C GLY E 249 10.54 13.90 -10.26
N SER E 250 10.10 14.56 -9.20
CA SER E 250 10.73 14.36 -7.90
C SER E 250 9.71 14.17 -6.79
N ASP E 251 10.19 13.63 -5.66
CA ASP E 251 9.34 13.29 -4.54
C ASP E 251 9.19 14.56 -3.69
N ASP E 252 8.66 15.58 -4.35
CA ASP E 252 8.27 16.84 -3.72
C ASP E 252 7.12 17.45 -4.51
N ALA E 253 6.35 16.62 -5.23
CA ALA E 253 5.23 17.09 -6.06
C ALA E 253 5.69 18.15 -7.04
N THR E 254 6.67 17.81 -7.88
CA THR E 254 7.15 18.76 -8.87
C THR E 254 7.80 18.02 -10.03
N CYS E 255 7.49 18.47 -11.24
CA CYS E 255 8.24 18.09 -12.43
C CYS E 255 8.95 19.32 -12.99
N ARG E 256 10.03 19.09 -13.74
CA ARG E 256 10.77 20.18 -14.34
C ARG E 256 11.33 19.73 -15.69
N LEU E 257 11.75 20.71 -16.49
CA LEU E 257 12.34 20.45 -17.79
C LEU E 257 13.73 21.06 -17.87
N PHE E 258 14.68 20.31 -18.44
CA PHE E 258 16.07 20.73 -18.54
C PHE E 258 16.55 20.62 -19.99
N ASP E 259 17.54 21.46 -20.31
CA ASP E 259 18.20 21.50 -21.61
C ASP E 259 19.68 21.26 -21.42
N LEU E 260 20.33 20.66 -22.44
CA LEU E 260 21.72 20.28 -22.35
C LEU E 260 22.68 21.30 -22.96
N ARG E 261 22.20 22.49 -23.32
CA ARG E 261 23.08 23.57 -23.77
C ARG E 261 22.94 24.85 -22.96
N ALA E 262 21.71 25.24 -22.60
CA ALA E 262 21.54 26.34 -21.66
C ALA E 262 21.89 25.95 -20.24
N ASP E 263 21.83 24.66 -19.94
CA ASP E 263 22.29 24.11 -18.65
C ASP E 263 21.48 24.64 -17.47
N GLN E 264 20.17 24.83 -17.64
CA GLN E 264 19.32 25.28 -16.54
C GLN E 264 17.86 25.02 -16.90
N GLU E 265 16.99 25.21 -15.91
CA GLU E 265 15.58 24.88 -16.02
C GLU E 265 14.88 25.77 -17.05
N LEU E 266 13.73 25.31 -17.53
CA LEU E 266 12.93 26.12 -18.43
C LEU E 266 11.45 26.12 -18.05
N MET E 267 10.99 25.07 -17.38
CA MET E 267 9.62 24.99 -16.88
C MET E 267 9.55 24.11 -15.63
N THR E 268 8.59 24.46 -14.76
CA THR E 268 8.26 23.72 -13.56
C THR E 268 6.75 23.48 -13.53
N TYR E 269 6.36 22.21 -13.38
CA TYR E 269 4.97 21.81 -13.30
C TYR E 269 4.66 21.41 -11.86
N SER E 270 3.68 22.09 -11.27
CA SER E 270 3.24 21.85 -9.90
C SER E 270 1.90 22.55 -9.71
N HIS E 271 1.29 22.31 -8.54
CA HIS E 271 0.03 22.94 -8.17
C HIS E 271 0.02 23.14 -6.66
N ASP E 272 -1.12 23.57 -6.14
CA ASP E 272 -1.25 23.78 -4.71
C ASP E 272 -2.02 22.67 -4.00
N ASN E 273 -2.86 21.94 -4.73
CA ASN E 273 -3.60 20.82 -4.16
C ASN E 273 -2.83 19.50 -4.28
N ILE E 274 -1.69 19.50 -4.98
CA ILE E 274 -0.90 18.30 -5.18
C ILE E 274 0.20 18.27 -4.14
N ILE E 275 0.11 17.33 -3.20
CA ILE E 275 1.06 17.23 -2.11
C ILE E 275 1.67 15.84 -2.03
N CYS E 276 1.74 15.15 -3.16
CA CYS E 276 2.36 13.83 -3.23
C CYS E 276 3.28 13.75 -4.44
N GLY E 277 4.17 12.75 -4.43
CA GLY E 277 5.25 12.68 -5.38
C GLY E 277 4.88 12.13 -6.74
N ILE E 278 5.91 11.92 -7.56
CA ILE E 278 5.77 11.46 -8.93
C ILE E 278 6.57 10.18 -9.10
N THR E 279 6.01 9.20 -9.79
CA THR E 279 6.64 7.90 -9.99
C THR E 279 7.10 7.64 -11.42
N SER E 280 6.32 8.02 -12.43
CA SER E 280 6.69 7.76 -13.82
C SER E 280 6.55 9.04 -14.64
N VAL E 281 7.40 9.17 -15.65
CA VAL E 281 7.37 10.30 -16.57
C VAL E 281 7.58 9.78 -17.99
N SER E 282 6.73 10.21 -18.92
CA SER E 282 6.84 9.71 -20.30
C SER E 282 6.37 10.76 -21.29
N PHE E 283 7.15 10.97 -22.34
CA PHE E 283 6.76 11.89 -23.39
C PHE E 283 5.91 11.21 -24.46
N SER E 284 5.56 11.98 -25.48
CA SER E 284 4.76 11.53 -26.60
C SER E 284 5.55 11.68 -27.90
N LYS E 285 4.88 11.48 -29.04
CA LYS E 285 5.60 11.40 -30.31
C LYS E 285 6.07 12.77 -30.79
N SER E 286 5.29 13.81 -30.51
CA SER E 286 5.64 15.14 -30.98
C SER E 286 6.30 15.99 -29.91
N GLY E 287 6.08 15.68 -28.65
CA GLY E 287 6.57 16.49 -27.55
C GLY E 287 5.56 17.42 -26.95
N ARG E 288 4.31 17.40 -27.43
CA ARG E 288 3.28 18.29 -26.94
C ARG E 288 2.49 17.70 -25.79
N LEU E 289 2.77 16.46 -25.39
CA LEU E 289 2.15 15.89 -24.22
C LEU E 289 3.22 15.28 -23.32
N LEU E 290 3.01 15.40 -22.01
CA LEU E 290 3.88 14.84 -20.99
C LEU E 290 2.99 14.12 -19.99
N LEU E 291 3.13 12.80 -19.88
CA LEU E 291 2.28 12.02 -19.00
C LEU E 291 3.03 11.66 -17.73
N ALA E 292 2.35 11.79 -16.58
CA ALA E 292 2.98 11.61 -15.29
C ALA E 292 2.08 10.78 -14.38
N GLY E 293 2.72 9.99 -13.53
CA GLY E 293 2.02 9.13 -12.59
C GLY E 293 2.20 9.59 -11.16
N TYR E 294 1.21 9.30 -10.31
CA TYR E 294 1.18 9.75 -8.93
C TYR E 294 0.66 8.64 -8.03
N ASP E 295 0.94 8.77 -6.74
CA ASP E 295 0.32 7.93 -5.72
C ASP E 295 -0.84 8.67 -5.07
N ASP E 296 -1.91 8.85 -5.86
CA ASP E 296 -2.97 9.81 -5.57
C ASP E 296 -4.41 9.34 -5.65
N PHE E 297 -4.80 8.36 -6.48
CA PHE E 297 -3.97 7.49 -7.31
C PHE E 297 -4.33 7.66 -8.78
N ASN E 298 -3.75 8.65 -9.45
CA ASN E 298 -4.22 9.05 -10.76
C ASN E 298 -3.04 9.13 -11.73
N CYS E 299 -3.36 9.54 -12.95
CA CYS E 299 -2.35 9.95 -13.92
C CYS E 299 -2.75 11.30 -14.49
N ASN E 300 -1.76 12.15 -14.75
CA ASN E 300 -2.02 13.50 -15.22
C ASN E 300 -1.34 13.74 -16.56
N VAL E 301 -1.98 14.55 -17.40
CA VAL E 301 -1.50 14.86 -18.73
C VAL E 301 -1.20 16.34 -18.79
N TRP E 302 0.08 16.68 -18.93
CA TRP E 302 0.54 18.06 -18.92
C TRP E 302 0.88 18.51 -20.33
N ASP E 303 0.38 19.67 -20.70
CA ASP E 303 0.88 20.38 -21.85
C ASP E 303 2.29 20.85 -21.53
N ALA E 304 3.25 20.56 -22.41
CA ALA E 304 4.65 20.79 -22.07
C ALA E 304 5.08 22.23 -22.33
N LEU E 305 4.44 22.91 -23.29
CA LEU E 305 4.87 24.25 -23.69
C LEU E 305 4.15 25.37 -22.95
N LYS E 306 3.19 25.05 -22.08
CA LYS E 306 2.51 26.08 -21.30
C LYS E 306 2.35 25.74 -19.82
N ALA E 307 2.63 24.51 -19.41
CA ALA E 307 2.55 24.07 -18.01
C ALA E 307 1.16 24.27 -17.43
N ASP E 308 0.19 23.60 -18.05
CA ASP E 308 -1.18 23.50 -17.56
C ASP E 308 -1.63 22.06 -17.73
N ARG E 309 -2.57 21.63 -16.89
CA ARG E 309 -3.18 20.32 -17.06
C ARG E 309 -4.19 20.38 -18.18
N ALA E 310 -4.12 19.39 -19.08
CA ALA E 310 -5.10 19.25 -20.15
C ALA E 310 -5.86 17.94 -20.09
N GLY E 311 -5.64 17.12 -19.06
CA GLY E 311 -6.40 15.90 -18.93
C GLY E 311 -5.97 15.08 -17.74
N VAL E 312 -6.86 14.18 -17.35
CA VAL E 312 -6.66 13.28 -16.21
C VAL E 312 -7.01 11.88 -16.67
N LEU E 313 -6.41 10.87 -16.02
CA LEU E 313 -6.71 9.47 -16.28
C LEU E 313 -6.90 8.78 -14.93
N ALA E 314 -8.09 8.23 -14.71
CA ALA E 314 -8.46 7.64 -13.45
C ALA E 314 -8.97 6.23 -13.73
N GLY E 315 -9.06 5.43 -12.68
CA GLY E 315 -9.48 4.05 -12.84
C GLY E 315 -8.60 3.03 -12.13
N HIS E 316 -7.61 3.51 -11.39
CA HIS E 316 -6.72 2.64 -10.63
C HIS E 316 -7.01 2.79 -9.15
N ASP E 317 -7.07 1.66 -8.45
CA ASP E 317 -7.41 1.64 -7.04
C ASP E 317 -6.20 1.76 -6.12
N ASN E 318 -5.00 1.89 -6.67
CA ASN E 318 -3.79 1.95 -5.85
C ASN E 318 -2.72 2.72 -6.61
N ARG E 319 -1.52 2.75 -6.06
CA ARG E 319 -0.44 3.58 -6.58
C ARG E 319 -0.05 3.17 -8.00
N VAL E 320 0.22 4.17 -8.84
CA VAL E 320 0.67 3.94 -10.21
C VAL E 320 2.18 3.89 -10.23
N SER E 321 2.74 2.84 -10.83
CA SER E 321 4.17 2.61 -10.81
C SER E 321 4.84 2.71 -12.17
N CYS E 322 4.14 2.43 -13.26
CA CYS E 322 4.75 2.40 -14.58
C CYS E 322 3.84 3.05 -15.61
N LEU E 323 4.40 3.33 -16.79
CA LEU E 323 3.72 4.09 -17.83
C LEU E 323 4.55 4.01 -19.10
N GLY E 324 3.89 3.93 -20.25
CA GLY E 324 4.63 3.83 -21.49
C GLY E 324 3.80 4.16 -22.71
N VAL E 325 4.51 4.62 -23.76
CA VAL E 325 3.95 4.94 -25.06
C VAL E 325 4.68 4.13 -26.11
N THR E 326 4.09 4.07 -27.31
CA THR E 326 4.61 3.23 -28.38
C THR E 326 5.45 4.05 -29.36
N ASP E 327 6.13 3.34 -30.26
CA ASP E 327 6.99 3.96 -31.25
C ASP E 327 6.24 4.45 -32.47
N ASP E 328 4.94 4.20 -32.55
CA ASP E 328 4.09 4.78 -33.58
C ASP E 328 3.09 5.78 -33.03
N GLY E 329 2.86 5.80 -31.71
CA GLY E 329 2.03 6.81 -31.10
C GLY E 329 0.59 6.45 -30.90
N MET E 330 0.25 5.15 -30.87
CA MET E 330 -1.15 4.77 -30.97
C MET E 330 -1.80 4.43 -29.63
N ALA E 331 -1.03 4.03 -28.62
CA ALA E 331 -1.64 3.65 -27.36
C ALA E 331 -0.78 4.10 -26.19
N VAL E 332 -1.34 3.99 -24.99
CA VAL E 332 -0.63 4.25 -23.75
C VAL E 332 -0.95 3.12 -22.78
N ALA E 333 0.08 2.60 -22.12
CA ALA E 333 -0.08 1.47 -21.21
C ALA E 333 0.29 1.91 -19.79
N THR E 334 -0.57 1.56 -18.84
CA THR E 334 -0.41 1.95 -17.45
C THR E 334 -0.58 0.75 -16.54
N GLY E 335 0.34 0.60 -15.60
CA GLY E 335 0.23 -0.43 -14.58
C GLY E 335 0.23 0.17 -13.18
N SER E 336 -0.13 -0.63 -12.17
CA SER E 336 -0.33 -0.10 -10.83
C SER E 336 -0.23 -1.22 -9.82
N TRP E 337 -0.22 -0.83 -8.54
CA TRP E 337 -0.06 -1.79 -7.45
C TRP E 337 -1.31 -2.63 -7.21
N ASP E 338 -2.33 -2.54 -8.08
CA ASP E 338 -3.53 -3.34 -7.95
C ASP E 338 -3.57 -4.51 -8.94
N SER E 339 -2.43 -4.82 -9.58
CA SER E 339 -2.25 -6.04 -10.36
C SER E 339 -2.92 -5.98 -11.73
N PHE E 340 -3.10 -4.78 -12.28
CA PHE E 340 -3.75 -4.65 -13.58
C PHE E 340 -2.95 -3.74 -14.50
N LEU E 341 -3.01 -4.04 -15.80
CA LEU E 341 -2.55 -3.14 -16.85
C LEU E 341 -3.74 -2.66 -17.65
N LYS E 342 -3.71 -1.41 -18.06
CA LYS E 342 -4.79 -0.80 -18.80
C LYS E 342 -4.21 -0.07 -20.01
N ILE E 343 -4.93 -0.16 -21.13
CA ILE E 343 -4.51 0.45 -22.38
C ILE E 343 -5.51 1.54 -22.75
N TRP E 344 -4.99 2.73 -23.05
CA TRP E 344 -5.79 3.89 -23.37
C TRP E 344 -5.41 4.40 -24.76
N ASN E 345 -6.41 4.92 -25.48
CA ASN E 345 -6.18 5.45 -26.81
C ASN E 345 -6.97 6.74 -27.06
#